data_6NLR
#
_entry.id   6NLR
#
_cell.length_a   191.278
_cell.length_b   191.278
_cell.length_c   48.051
_cell.angle_alpha   90.00
_cell.angle_beta   90.00
_cell.angle_gamma   120.00
#
_symmetry.space_group_name_H-M   'P 64'
#
loop_
_entity.id
_entity.type
_entity.pdbx_description
1 polymer Histidinol-phosphatase
2 non-polymer 'MANGANESE (II) ION'
3 non-polymer 'COBALT (II) ION'
4 non-polymer 'SULFATE ION'
5 non-polymer 'FE (III) ION'
6 non-polymer 'CALCIUM ION'
7 water water
#
_entity_poly.entity_id   1
_entity_poly.type   'polypeptide(L)'
_entity_poly.pdbx_seq_one_letter_code
;(MSE)KRDGHTHTEFCPHGTHDDVEE(MSE)VLKAIELDFDEYSIVEHAPLSSEF(MSE)KNTAGDKEAVTTAS(MSE)A
(MSE)SDLPYYFKK(MSE)NHIKKKYASDLLIHIGFEVDYLIGYEDFTRDFLNEYGPQTDDGVLSLHFLEGQGGFRSIDF
SAEDYNEGIVQFYGGFEQAQLAYLEGVKQSIEADLGLFKPRR(MSE)GHISLCQKFQQFFGEDTSDFSEEV(MSE)EKFR
VILALVKKRDYELDFNTAGLFKPLCGETYPPKKIVTLASELQIPFVYGSDSHGVQDIGRGYSTYCQKLEHHHHHH
;
_entity_poly.pdbx_strand_id   A,B,C
#
loop_
_chem_comp.id
_chem_comp.type
_chem_comp.name
_chem_comp.formula
CA non-polymer 'CALCIUM ION' 'Ca 2'
CO non-polymer 'COBALT (II) ION' 'Co 2'
FE non-polymer 'FE (III) ION' 'Fe 3'
MN non-polymer 'MANGANESE (II) ION' 'Mn 2'
SO4 non-polymer 'SULFATE ION' 'O4 S -2'
#
# COMPACT_ATOMS: atom_id res chain seq x y z
N MSE A 1 16.24 -6.46 -9.20
CA MSE A 1 15.20 -6.00 -10.17
C MSE A 1 15.91 -5.42 -11.39
O MSE A 1 17.11 -5.19 -11.36
CB MSE A 1 14.26 -4.95 -9.56
CG MSE A 1 13.45 -5.43 -8.36
SE MSE A 1 12.59 -7.20 -8.63
CE MSE A 1 13.77 -8.72 -8.16
N LYS A 2 15.15 -5.20 -12.47
CA LYS A 2 15.76 -4.72 -13.69
C LYS A 2 14.80 -3.74 -14.40
N ARG A 3 15.12 -2.46 -14.32
CA ARG A 3 14.20 -1.37 -14.70
C ARG A 3 14.89 -0.46 -15.73
N ASP A 4 14.15 -0.11 -16.78
CA ASP A 4 14.54 0.98 -17.71
C ASP A 4 13.54 2.12 -17.48
N GLY A 5 14.05 3.28 -17.07
CA GLY A 5 13.21 4.44 -16.74
C GLY A 5 13.13 5.43 -17.89
N HIS A 6 13.66 5.11 -19.09
CA HIS A 6 13.76 6.14 -20.17
C HIS A 6 13.76 5.50 -21.56
N THR A 7 12.59 5.41 -22.20
CA THR A 7 12.46 4.90 -23.59
C THR A 7 11.50 5.76 -24.40
N HIS A 8 11.64 5.67 -25.71
CA HIS A 8 10.87 6.41 -26.74
C HIS A 8 10.18 5.41 -27.66
N THR A 9 9.41 5.91 -28.63
CA THR A 9 8.44 5.13 -29.42
C THR A 9 8.41 5.63 -30.86
N GLU A 10 7.52 5.05 -31.68
CA GLU A 10 7.23 5.51 -33.06
C GLU A 10 6.61 6.92 -33.02
N PHE A 11 6.16 7.43 -31.87
CA PHE A 11 5.59 8.80 -31.76
C PHE A 11 6.71 9.85 -31.71
N CYS A 12 7.97 9.43 -31.66
CA CYS A 12 9.14 10.34 -31.65
C CYS A 12 9.54 10.63 -33.10
N PRO A 13 9.38 11.86 -33.60
CA PRO A 13 9.68 12.15 -35.02
C PRO A 13 11.17 11.96 -35.38
N HIS A 14 12.11 12.04 -34.43
CA HIS A 14 13.57 11.88 -34.69
C HIS A 14 14.05 10.48 -34.30
N GLY A 15 13.16 9.56 -33.92
CA GLY A 15 13.55 8.17 -33.56
C GLY A 15 13.70 7.30 -34.79
N THR A 16 13.87 5.99 -34.60
CA THR A 16 14.00 5.00 -35.68
C THR A 16 12.64 4.71 -36.32
N HIS A 17 11.52 5.08 -35.67
CA HIS A 17 10.14 4.72 -36.07
C HIS A 17 9.91 3.22 -35.84
N ASP A 18 10.78 2.53 -35.09
CA ASP A 18 10.49 1.14 -34.64
C ASP A 18 9.22 1.18 -33.80
N ASP A 19 8.38 0.15 -33.93
CA ASP A 19 7.16 -0.01 -33.10
C ASP A 19 7.58 -0.29 -31.66
N VAL A 20 6.99 0.44 -30.72
CA VAL A 20 7.17 0.24 -29.26
C VAL A 20 6.98 -1.24 -28.92
N GLU A 21 6.10 -1.94 -29.60
CA GLU A 21 5.82 -3.36 -29.28
C GLU A 21 7.10 -4.19 -29.45
N GLU A 22 7.87 -3.96 -30.51
CA GLU A 22 9.12 -4.73 -30.79
C GLU A 22 10.16 -4.35 -29.74
N MSE A 23 10.13 -3.09 -29.26
CA MSE A 23 11.05 -2.65 -28.22
C MSE A 23 10.72 -3.36 -26.90
O MSE A 23 11.60 -3.86 -26.21
CB MSE A 23 11.02 -1.13 -28.09
CG MSE A 23 11.40 -0.41 -29.36
SE MSE A 23 11.16 1.52 -29.21
CE MSE A 23 12.45 1.92 -27.81
N VAL A 24 9.41 -3.49 -26.59
CA VAL A 24 8.97 -4.12 -25.36
C VAL A 24 9.34 -5.61 -25.41
N LEU A 25 9.12 -6.28 -26.55
CA LEU A 25 9.46 -7.71 -26.70
C LEU A 25 10.96 -7.91 -26.48
N LYS A 26 11.79 -6.98 -26.97
CA LYS A 26 13.26 -7.06 -26.76
C LYS A 26 13.58 -6.85 -25.27
N ALA A 27 12.96 -5.87 -24.61
CA ALA A 27 13.17 -5.64 -23.17
C ALA A 27 12.84 -6.93 -22.40
N ILE A 28 11.76 -7.64 -22.77
CA ILE A 28 11.37 -8.90 -22.06
C ILE A 28 12.44 -9.95 -22.31
N GLU A 29 12.94 -10.08 -23.53
CA GLU A 29 14.02 -11.04 -23.88
C GLU A 29 15.25 -10.74 -23.02
N LEU A 30 15.54 -9.48 -22.70
CA LEU A 30 16.73 -9.11 -21.89
C LEU A 30 16.38 -9.07 -20.40
N ASP A 31 15.22 -9.61 -19.99
CA ASP A 31 14.86 -9.81 -18.56
C ASP A 31 14.57 -8.49 -17.83
N PHE A 32 14.16 -7.44 -18.53
CA PHE A 32 13.64 -6.22 -17.84
C PHE A 32 12.32 -6.64 -17.17
N ASP A 33 12.05 -6.22 -15.94
CA ASP A 33 10.72 -6.44 -15.33
C ASP A 33 9.97 -5.11 -15.19
N GLU A 34 10.60 -3.97 -15.48
CA GLU A 34 9.94 -2.65 -15.36
C GLU A 34 10.47 -1.72 -16.44
N TYR A 35 9.58 -0.97 -17.07
CA TYR A 35 9.86 -0.28 -18.35
C TYR A 35 8.98 0.96 -18.45
N SER A 36 9.59 2.14 -18.60
CA SER A 36 8.88 3.43 -18.71
C SER A 36 8.97 3.94 -20.15
N ILE A 37 7.80 4.19 -20.72
CA ILE A 37 7.62 4.91 -22.00
C ILE A 37 7.43 6.38 -21.63
N VAL A 38 8.45 7.18 -21.92
CA VAL A 38 8.45 8.62 -21.59
C VAL A 38 8.75 9.39 -22.87
N GLU A 39 7.76 9.44 -23.74
CA GLU A 39 7.90 10.09 -25.06
C GLU A 39 8.06 11.62 -24.85
N HIS A 40 8.75 12.28 -25.77
CA HIS A 40 8.89 13.77 -25.73
C HIS A 40 7.51 14.43 -25.72
N ALA A 41 7.26 15.29 -24.72
CA ALA A 41 6.01 16.09 -24.65
C ALA A 41 6.04 17.11 -25.78
N PRO A 42 4.88 17.42 -26.41
CA PRO A 42 4.81 18.51 -27.38
C PRO A 42 5.39 19.84 -26.87
N LEU A 43 6.13 20.57 -27.72
CA LEU A 43 6.72 21.89 -27.34
C LEU A 43 5.62 22.96 -27.37
N SER A 44 5.76 24.00 -26.54
CA SER A 44 4.97 25.24 -26.63
C SER A 44 5.09 25.81 -28.05
N SER A 45 3.97 26.14 -28.70
CA SER A 45 3.97 26.82 -30.01
C SER A 45 4.61 28.21 -29.88
N GLU A 46 4.46 28.90 -28.73
CA GLU A 46 5.11 30.20 -28.45
C GLU A 46 6.63 30.00 -28.40
N PHE A 47 7.10 28.98 -27.70
CA PHE A 47 8.55 28.66 -27.60
C PHE A 47 9.13 28.46 -29.01
N MSE A 48 8.39 27.76 -29.86
CA MSE A 48 8.85 27.38 -31.18
C MSE A 48 8.94 28.59 -32.12
O MSE A 48 9.61 28.51 -33.15
CB MSE A 48 7.92 26.31 -31.75
CG MSE A 48 8.09 24.95 -31.08
SE MSE A 48 6.85 23.62 -31.85
CE MSE A 48 7.96 22.39 -32.88
N LYS A 49 8.28 29.72 -31.79
CA LYS A 49 8.49 30.94 -32.55
C LYS A 49 9.82 31.62 -32.19
N ASN A 50 10.47 31.20 -31.10
CA ASN A 50 11.57 31.98 -30.49
C ASN A 50 12.88 31.20 -30.57
N THR A 51 13.02 30.34 -31.57
CA THR A 51 14.20 29.47 -31.74
C THR A 51 15.03 30.00 -32.91
N ALA A 52 16.30 29.61 -32.92
CA ALA A 52 17.22 29.78 -34.07
C ALA A 52 17.96 28.44 -34.21
N GLY A 53 18.97 28.40 -35.05
CA GLY A 53 19.70 27.15 -35.31
C GLY A 53 18.90 26.25 -36.24
N ASP A 54 19.37 25.03 -36.40
CA ASP A 54 18.79 24.07 -37.36
C ASP A 54 17.31 23.86 -37.01
N LYS A 55 16.38 24.25 -37.88
CA LYS A 55 14.90 24.11 -37.67
C LYS A 55 14.55 22.65 -37.34
N GLU A 56 15.29 21.68 -37.88
CA GLU A 56 15.02 20.24 -37.66
C GLU A 56 15.10 19.90 -36.17
N ALA A 57 15.95 20.57 -35.40
CA ALA A 57 16.04 20.34 -33.94
C ALA A 57 14.69 20.65 -33.30
N VAL A 58 13.90 21.55 -33.89
CA VAL A 58 12.62 22.01 -33.29
C VAL A 58 11.48 21.23 -33.93
N THR A 59 11.42 21.13 -35.27
CA THR A 59 10.28 20.48 -35.98
C THR A 59 10.22 18.99 -35.62
N THR A 60 11.36 18.41 -35.30
CA THR A 60 11.58 16.94 -35.13
C THR A 60 11.60 16.61 -33.63
N ALA A 61 11.57 17.62 -32.75
CA ALA A 61 11.79 17.45 -31.29
C ALA A 61 10.71 16.53 -30.70
N SER A 62 9.45 16.70 -31.08
CA SER A 62 8.37 15.99 -30.35
C SER A 62 7.11 15.92 -31.21
N MSE A 63 6.20 15.06 -30.79
CA MSE A 63 4.91 14.93 -31.44
C MSE A 63 4.09 16.21 -31.25
O MSE A 63 4.44 17.07 -30.44
CB MSE A 63 4.17 13.71 -30.84
CG MSE A 63 3.65 13.95 -29.44
SE MSE A 63 2.93 12.31 -28.62
CE MSE A 63 4.14 11.91 -27.17
N ALA A 64 2.99 16.31 -32.01
CA ALA A 64 2.04 17.41 -31.89
C ALA A 64 1.03 17.09 -30.78
N MSE A 65 0.40 18.15 -30.26
CA MSE A 65 -0.67 18.03 -29.29
C MSE A 65 -1.75 17.07 -29.79
O MSE A 65 -2.24 16.24 -29.02
CB MSE A 65 -1.26 19.42 -28.99
CG MSE A 65 -0.35 20.31 -28.16
SE MSE A 65 -0.15 19.73 -26.26
CE MSE A 65 -2.02 19.82 -25.68
N SER A 66 -2.09 17.15 -31.07
CA SER A 66 -3.16 16.32 -31.62
C SER A 66 -2.79 14.82 -31.60
N ASP A 67 -1.52 14.46 -31.49
CA ASP A 67 -1.10 13.03 -31.43
C ASP A 67 -1.34 12.44 -30.04
N LEU A 68 -1.52 13.27 -29.00
CA LEU A 68 -1.55 12.78 -27.59
C LEU A 68 -2.61 11.69 -27.40
N PRO A 69 -3.89 11.85 -27.83
CA PRO A 69 -4.87 10.79 -27.65
C PRO A 69 -4.42 9.43 -28.25
N TYR A 70 -3.78 9.47 -29.42
CA TYR A 70 -3.29 8.27 -30.15
C TYR A 70 -2.11 7.67 -29.38
N TYR A 71 -1.24 8.53 -28.82
CA TYR A 71 -0.09 8.10 -27.99
C TYR A 71 -0.60 7.33 -26.77
N PHE A 72 -1.52 7.92 -26.00
CA PHE A 72 -2.07 7.27 -24.78
C PHE A 72 -2.79 5.98 -25.15
N LYS A 73 -3.57 5.98 -26.23
CA LYS A 73 -4.30 4.76 -26.63
C LYS A 73 -3.29 3.63 -26.91
N LYS A 74 -2.26 3.89 -27.73
CA LYS A 74 -1.28 2.84 -28.12
C LYS A 74 -0.53 2.35 -26.88
N MSE A 75 -0.03 3.28 -26.04
CA MSE A 75 0.81 2.84 -24.92
C MSE A 75 -0.01 2.07 -23.89
O MSE A 75 0.50 1.14 -23.27
CB MSE A 75 1.51 4.02 -24.26
CG MSE A 75 2.50 4.78 -25.15
SE MSE A 75 3.44 3.64 -26.45
CE MSE A 75 3.31 4.60 -28.17
N ASN A 76 -1.26 2.49 -23.63
CA ASN A 76 -2.13 1.80 -22.70
C ASN A 76 -2.42 0.40 -23.22
N HIS A 77 -2.57 0.24 -24.53
CA HIS A 77 -2.76 -1.11 -25.16
C HIS A 77 -1.53 -1.99 -24.86
N ILE A 78 -0.33 -1.46 -25.06
CA ILE A 78 0.93 -2.23 -24.91
C ILE A 78 1.13 -2.57 -23.42
N LYS A 79 0.82 -1.64 -22.54
CA LYS A 79 0.94 -1.84 -21.07
C LYS A 79 0.09 -3.04 -20.64
N LYS A 80 -1.17 -3.10 -21.08
CA LYS A 80 -2.07 -4.20 -20.70
C LYS A 80 -1.63 -5.49 -21.40
N LYS A 81 -1.21 -5.40 -22.66
CA LYS A 81 -0.90 -6.61 -23.46
C LYS A 81 0.22 -7.39 -22.77
N TYR A 82 1.21 -6.69 -22.20
CA TYR A 82 2.46 -7.34 -21.68
C TYR A 82 2.53 -7.26 -20.15
N ALA A 83 1.42 -6.94 -19.47
CA ALA A 83 1.38 -6.78 -18.00
C ALA A 83 1.89 -8.07 -17.32
N SER A 84 1.64 -9.26 -17.85
CA SER A 84 2.07 -10.51 -17.19
C SER A 84 3.60 -10.67 -17.32
N ASP A 85 4.29 -9.97 -18.22
CA ASP A 85 5.74 -10.12 -18.44
C ASP A 85 6.54 -8.92 -17.89
N LEU A 86 5.96 -7.73 -17.85
CA LEU A 86 6.70 -6.44 -17.73
C LEU A 86 5.73 -5.42 -17.12
N LEU A 87 6.14 -4.73 -16.06
CA LEU A 87 5.39 -3.56 -15.54
C LEU A 87 5.76 -2.34 -16.40
N ILE A 88 4.81 -1.85 -17.18
CA ILE A 88 5.02 -0.68 -18.09
C ILE A 88 4.42 0.56 -17.47
N HIS A 89 5.21 1.62 -17.36
CA HIS A 89 4.75 2.96 -16.95
C HIS A 89 4.65 3.84 -18.20
N ILE A 90 3.72 4.78 -18.21
CA ILE A 90 3.47 5.70 -19.34
C ILE A 90 3.60 7.13 -18.82
N GLY A 91 4.39 7.93 -19.52
CA GLY A 91 4.48 9.36 -19.21
C GLY A 91 5.23 10.08 -20.30
N PHE A 92 5.89 11.17 -19.92
CA PHE A 92 6.63 12.02 -20.88
C PHE A 92 8.03 12.28 -20.38
N GLU A 93 8.94 12.46 -21.34
CA GLU A 93 10.15 13.27 -21.17
C GLU A 93 9.71 14.71 -21.42
N VAL A 94 9.57 15.46 -20.34
CA VAL A 94 9.05 16.85 -20.34
C VAL A 94 10.25 17.78 -20.51
N ASP A 95 10.23 18.63 -21.53
CA ASP A 95 11.22 19.71 -21.68
C ASP A 95 10.99 20.71 -20.54
N TYR A 96 12.06 21.05 -19.83
CA TYR A 96 12.12 22.30 -19.05
C TYR A 96 12.42 23.42 -20.05
N LEU A 97 11.44 24.28 -20.28
CA LEU A 97 11.54 25.43 -21.22
C LEU A 97 11.67 26.71 -20.39
N ILE A 98 12.88 27.25 -20.34
CA ILE A 98 13.23 28.47 -19.55
C ILE A 98 12.33 29.62 -20.01
N GLY A 99 11.57 30.20 -19.08
CA GLY A 99 10.64 31.31 -19.35
C GLY A 99 9.26 30.81 -19.78
N TYR A 100 9.02 29.50 -19.91
CA TYR A 100 7.70 28.95 -20.31
C TYR A 100 7.13 27.99 -19.24
N GLU A 101 7.42 28.24 -17.96
CA GLU A 101 6.92 27.41 -16.83
C GLU A 101 5.39 27.35 -16.87
N ASP A 102 4.71 28.44 -17.22
CA ASP A 102 3.23 28.47 -17.25
C ASP A 102 2.74 27.42 -18.25
N PHE A 103 3.31 27.37 -19.45
CA PHE A 103 2.94 26.37 -20.48
C PHE A 103 3.14 24.97 -19.89
N THR A 104 4.30 24.71 -19.30
CA THR A 104 4.66 23.35 -18.85
C THR A 104 3.72 22.93 -17.71
N ARG A 105 3.46 23.83 -16.78
CA ARG A 105 2.55 23.62 -15.62
C ARG A 105 1.15 23.29 -16.14
N ASP A 106 0.63 24.05 -17.12
CA ASP A 106 -0.72 23.83 -17.70
C ASP A 106 -0.75 22.46 -18.38
N PHE A 107 0.32 22.09 -19.10
CA PHE A 107 0.38 20.80 -19.81
C PHE A 107 0.34 19.67 -18.77
N LEU A 108 1.17 19.76 -17.74
CA LEU A 108 1.27 18.71 -16.70
C LEU A 108 -0.04 18.62 -15.92
N ASN A 109 -0.67 19.75 -15.57
CA ASN A 109 -1.98 19.73 -14.87
C ASN A 109 -3.02 19.06 -15.77
N GLU A 110 -2.99 19.24 -17.09
CA GLU A 110 -4.02 18.62 -17.98
C GLU A 110 -3.73 17.12 -18.16
N TYR A 111 -2.52 16.72 -18.53
CA TYR A 111 -2.21 15.34 -18.97
C TYR A 111 -1.56 14.50 -17.85
N GLY A 112 -1.05 15.14 -16.81
CA GLY A 112 -0.41 14.45 -15.68
C GLY A 112 -1.23 13.30 -15.14
N PRO A 113 -2.56 13.44 -14.95
CA PRO A 113 -3.38 12.34 -14.42
C PRO A 113 -3.37 11.07 -15.28
N GLN A 114 -2.97 11.15 -16.57
CA GLN A 114 -2.94 9.96 -17.47
C GLN A 114 -1.58 9.26 -17.40
N THR A 115 -0.67 9.71 -16.53
CA THR A 115 0.75 9.25 -16.50
C THR A 115 1.04 8.62 -15.15
N ASP A 116 2.14 7.88 -15.10
CA ASP A 116 2.59 6.95 -14.06
C ASP A 116 4.10 7.12 -13.80
N ASP A 117 4.79 7.88 -14.66
CA ASP A 117 6.25 8.15 -14.51
C ASP A 117 6.55 9.38 -15.36
N GLY A 118 7.79 9.84 -15.29
CA GLY A 118 8.17 11.08 -15.98
C GLY A 118 9.63 11.37 -15.79
N VAL A 119 10.20 12.08 -16.75
CA VAL A 119 11.57 12.63 -16.70
C VAL A 119 11.44 14.11 -17.07
N LEU A 120 12.11 14.98 -16.32
CA LEU A 120 12.21 16.41 -16.67
C LEU A 120 13.62 16.64 -17.19
N SER A 121 13.71 17.08 -18.45
CA SER A 121 14.97 17.19 -19.20
C SER A 121 15.15 18.62 -19.74
N LEU A 122 16.38 19.11 -19.66
CA LEU A 122 16.79 20.37 -20.33
C LEU A 122 17.46 20.04 -21.68
N HIS A 123 16.90 20.53 -22.77
CA HIS A 123 17.41 20.29 -24.17
C HIS A 123 17.70 21.61 -24.89
N PHE A 124 17.21 22.74 -24.39
CA PHE A 124 17.31 24.06 -25.09
C PHE A 124 17.80 25.12 -24.09
N LEU A 125 18.72 25.96 -24.55
CA LEU A 125 19.19 27.16 -23.83
C LEU A 125 19.04 28.36 -24.74
N GLU A 126 18.96 29.54 -24.14
N GLU A 126 18.97 29.53 -24.14
CA GLU A 126 19.12 30.82 -24.88
CA GLU A 126 19.13 30.81 -24.88
C GLU A 126 20.49 30.80 -25.57
C GLU A 126 20.49 30.78 -25.58
N GLY A 127 20.51 31.12 -26.86
CA GLY A 127 21.76 31.18 -27.64
C GLY A 127 21.67 32.20 -28.73
N GLN A 128 22.50 32.03 -29.75
CA GLN A 128 22.64 33.02 -30.85
C GLN A 128 21.33 33.01 -31.63
N GLY A 129 20.60 34.11 -31.61
CA GLY A 129 19.39 34.32 -32.44
C GLY A 129 18.12 33.85 -31.77
N GLY A 130 18.20 33.25 -30.58
CA GLY A 130 17.04 32.74 -29.82
C GLY A 130 17.39 31.45 -29.13
N PHE A 131 16.39 30.63 -28.81
CA PHE A 131 16.63 29.33 -28.13
C PHE A 131 17.35 28.39 -29.11
N ARG A 132 18.30 27.66 -28.57
CA ARG A 132 19.21 26.77 -29.34
C ARG A 132 19.27 25.42 -28.66
N SER A 133 19.50 24.39 -29.45
CA SER A 133 19.53 22.99 -29.01
C SER A 133 20.90 22.67 -28.40
N ILE A 134 20.89 21.97 -27.26
CA ILE A 134 22.08 21.44 -26.57
C ILE A 134 22.56 20.18 -27.31
N ASP A 135 21.66 19.42 -27.94
CA ASP A 135 21.96 18.00 -28.30
C ASP A 135 21.70 17.67 -29.78
N PHE A 136 21.49 18.65 -30.66
CA PHE A 136 21.18 18.33 -32.07
C PHE A 136 22.47 17.90 -32.80
N SER A 137 23.53 18.70 -32.78
CA SER A 137 24.78 18.35 -33.48
C SER A 137 25.92 19.20 -32.91
N ALA A 138 27.14 18.69 -33.03
CA ALA A 138 28.35 19.38 -32.56
C ALA A 138 28.42 20.79 -33.16
N GLU A 139 28.21 20.92 -34.46
CA GLU A 139 28.38 22.21 -35.19
C GLU A 139 27.27 23.18 -34.72
N ASP A 140 26.06 22.68 -34.56
CA ASP A 140 24.92 23.52 -34.14
C ASP A 140 25.14 23.95 -32.69
N TYR A 141 25.68 23.06 -31.85
CA TYR A 141 25.98 23.35 -30.43
C TYR A 141 27.10 24.39 -30.34
N ASN A 142 28.13 24.24 -31.17
CA ASN A 142 29.26 25.20 -31.28
C ASN A 142 28.69 26.59 -31.60
N GLU A 143 27.92 26.70 -32.69
CA GLU A 143 27.50 28.01 -33.26
C GLU A 143 26.43 28.62 -32.36
N GLY A 144 25.54 27.82 -31.79
CA GLY A 144 24.38 28.31 -31.06
C GLY A 144 24.69 28.65 -29.61
N ILE A 145 25.50 27.82 -28.97
CA ILE A 145 25.64 27.84 -27.47
C ILE A 145 27.09 28.08 -27.07
N VAL A 146 28.05 27.30 -27.55
CA VAL A 146 29.45 27.42 -27.04
C VAL A 146 29.98 28.82 -27.36
N GLN A 147 29.88 29.24 -28.63
CA GLN A 147 30.35 30.57 -29.06
C GLN A 147 29.55 31.67 -28.35
N PHE A 148 28.25 31.45 -28.12
CA PHE A 148 27.38 32.44 -27.46
C PHE A 148 27.87 32.69 -26.02
N TYR A 149 28.18 31.62 -25.26
CA TYR A 149 28.52 31.71 -23.82
C TYR A 149 30.01 32.00 -23.64
N GLY A 150 30.83 31.80 -24.67
CA GLY A 150 32.26 32.16 -24.67
C GLY A 150 33.20 30.97 -24.59
N GLY A 151 32.71 29.74 -24.64
CA GLY A 151 33.58 28.55 -24.60
C GLY A 151 32.88 27.37 -23.96
N PHE A 152 33.54 26.22 -23.99
CA PHE A 152 32.93 24.94 -23.58
C PHE A 152 32.54 25.01 -22.12
N GLU A 153 33.44 25.54 -21.27
CA GLU A 153 33.19 25.62 -19.81
C GLU A 153 32.03 26.58 -19.53
N GLN A 154 32.03 27.74 -20.19
CA GLN A 154 30.94 28.74 -20.01
C GLN A 154 29.60 28.09 -20.42
N ALA A 155 29.60 27.26 -21.46
CA ALA A 155 28.41 26.50 -21.91
C ALA A 155 27.99 25.50 -20.83
N GLN A 156 28.96 24.80 -20.20
CA GLN A 156 28.69 23.84 -19.10
C GLN A 156 27.95 24.60 -17.99
N LEU A 157 28.46 25.77 -17.62
CA LEU A 157 27.93 26.50 -16.45
C LEU A 157 26.54 27.05 -16.79
N ALA A 158 26.31 27.51 -18.02
CA ALA A 158 24.97 27.98 -18.43
C ALA A 158 23.98 26.80 -18.42
N TYR A 159 24.43 25.65 -18.89
CA TYR A 159 23.63 24.40 -18.91
C TYR A 159 23.24 24.01 -17.48
N LEU A 160 24.22 23.98 -16.57
CA LEU A 160 23.96 23.56 -15.17
C LEU A 160 23.04 24.59 -14.48
N GLU A 161 23.12 25.87 -14.81
CA GLU A 161 22.19 26.88 -14.26
C GLU A 161 20.76 26.50 -14.69
N GLY A 162 20.57 26.08 -15.97
CA GLY A 162 19.27 25.62 -16.48
C GLY A 162 18.78 24.39 -15.71
N VAL A 163 19.66 23.44 -15.46
CA VAL A 163 19.33 22.19 -14.70
C VAL A 163 18.85 22.58 -13.31
N LYS A 164 19.59 23.48 -12.64
CA LYS A 164 19.26 23.99 -11.29
C LYS A 164 17.86 24.62 -11.32
N GLN A 165 17.57 25.48 -12.31
CA GLN A 165 16.24 26.08 -12.49
C GLN A 165 15.16 25.00 -12.66
N SER A 166 15.44 23.95 -13.44
CA SER A 166 14.47 22.83 -13.63
C SER A 166 14.15 22.17 -12.28
N ILE A 167 15.13 22.02 -11.41
CA ILE A 167 14.93 21.37 -10.07
C ILE A 167 14.09 22.29 -9.17
N GLU A 168 14.37 23.60 -9.21
CA GLU A 168 13.70 24.59 -8.35
C GLU A 168 12.27 24.82 -8.83
N ALA A 169 11.97 24.58 -10.10
CA ALA A 169 10.70 25.03 -10.75
C ALA A 169 9.47 24.43 -10.03
N ASP A 170 8.45 25.25 -9.83
CA ASP A 170 7.08 24.85 -9.42
C ASP A 170 6.31 24.53 -10.71
N LEU A 171 6.20 23.26 -11.08
CA LEU A 171 5.44 22.83 -12.29
C LEU A 171 4.21 22.02 -11.85
N GLY A 172 3.77 22.24 -10.61
CA GLY A 172 2.56 21.65 -10.05
C GLY A 172 2.78 20.21 -9.56
N LEU A 173 1.69 19.53 -9.23
CA LEU A 173 1.70 18.21 -8.55
C LEU A 173 2.30 17.15 -9.49
N PHE A 174 2.13 17.29 -10.80
CA PHE A 174 2.51 16.25 -11.79
C PHE A 174 3.91 16.50 -12.37
N LYS A 175 4.68 17.46 -11.84
CA LYS A 175 6.10 17.64 -12.21
C LYS A 175 6.82 16.30 -12.04
N PRO A 176 7.57 15.82 -13.04
CA PRO A 176 8.43 14.67 -12.86
C PRO A 176 9.40 14.90 -11.69
N ARG A 177 9.80 13.81 -11.02
CA ARG A 177 10.77 13.86 -9.91
C ARG A 177 12.10 13.23 -10.33
N ARG A 178 12.23 12.85 -11.59
CA ARG A 178 13.49 12.27 -12.12
C ARG A 178 14.05 13.23 -13.15
N MSE A 179 15.27 13.74 -12.88
CA MSE A 179 15.88 14.72 -13.74
C MSE A 179 16.66 13.98 -14.82
O MSE A 179 17.50 13.12 -14.49
CB MSE A 179 16.82 15.66 -12.96
CG MSE A 179 16.18 16.32 -11.74
SE MSE A 179 14.69 17.54 -12.21
CE MSE A 179 13.11 16.43 -11.78
N GLY A 180 16.40 14.33 -16.08
CA GLY A 180 16.99 13.67 -17.23
C GLY A 180 18.45 14.03 -17.47
N HIS A 181 19.24 13.02 -17.83
CA HIS A 181 20.66 13.12 -18.31
C HIS A 181 21.32 14.45 -17.92
N ILE A 182 21.72 14.63 -16.64
CA ILE A 182 22.13 15.99 -16.14
C ILE A 182 23.58 16.37 -16.51
N SER A 183 24.21 15.74 -17.50
CA SER A 183 25.50 16.24 -18.06
C SER A 183 25.42 16.25 -19.59
N LEU A 184 24.26 16.62 -20.13
CA LEU A 184 24.00 16.60 -21.59
C LEU A 184 24.93 17.60 -22.31
N CYS A 185 25.48 18.57 -21.58
CA CYS A 185 26.53 19.51 -22.06
C CYS A 185 27.80 18.76 -22.48
N GLN A 186 27.90 17.45 -22.23
CA GLN A 186 29.09 16.62 -22.63
C GLN A 186 28.81 15.80 -23.89
N LYS A 187 27.63 15.93 -24.51
CA LYS A 187 27.25 15.06 -25.64
C LYS A 187 28.24 15.22 -26.80
N PHE A 188 28.80 16.42 -27.03
CA PHE A 188 29.74 16.67 -28.17
C PHE A 188 31.13 17.01 -27.66
N GLN A 189 31.40 16.57 -26.43
CA GLN A 189 32.68 16.73 -25.70
C GLN A 189 33.89 16.77 -26.64
N GLN A 190 34.05 15.70 -27.40
CA GLN A 190 35.32 15.39 -28.11
C GLN A 190 35.47 16.37 -29.29
N PHE A 191 34.37 16.95 -29.78
CA PHE A 191 34.41 17.98 -30.86
C PHE A 191 35.17 19.21 -30.35
N PHE A 192 35.17 19.42 -29.05
CA PHE A 192 35.83 20.59 -28.41
C PHE A 192 37.12 20.19 -27.70
N GLY A 193 37.56 18.93 -27.84
CA GLY A 193 38.79 18.45 -27.19
C GLY A 193 38.61 18.43 -25.68
N GLU A 194 37.40 18.14 -25.24
CA GLU A 194 37.00 18.10 -23.81
C GLU A 194 36.60 16.67 -23.48
N ASP A 195 36.71 16.32 -22.20
CA ASP A 195 36.27 15.02 -21.62
C ASP A 195 35.97 15.28 -20.13
N THR A 196 35.54 14.26 -19.42
CA THR A 196 35.03 14.44 -18.03
C THR A 196 36.21 14.40 -17.08
N SER A 197 37.46 14.27 -17.57
CA SER A 197 38.65 14.16 -16.71
C SER A 197 38.93 15.52 -16.04
N ASP A 198 38.44 16.64 -16.55
CA ASP A 198 39.02 17.94 -16.10
C ASP A 198 37.92 19.00 -15.89
N PHE A 199 36.77 18.58 -15.37
CA PHE A 199 35.75 19.53 -14.84
C PHE A 199 36.44 20.56 -13.94
N SER A 200 36.25 21.85 -14.20
CA SER A 200 36.82 22.96 -13.40
C SER A 200 36.18 22.94 -12.00
N GLU A 201 36.82 23.62 -11.06
CA GLU A 201 36.33 23.68 -9.65
C GLU A 201 34.94 24.33 -9.65
N GLU A 202 34.73 25.34 -10.47
CA GLU A 202 33.43 26.04 -10.57
C GLU A 202 32.34 25.06 -11.08
N VAL A 203 32.64 24.27 -12.10
CA VAL A 203 31.65 23.26 -12.60
C VAL A 203 31.33 22.27 -11.47
N MSE A 204 32.39 21.85 -10.74
CA MSE A 204 32.21 20.87 -9.69
C MSE A 204 31.32 21.41 -8.57
O MSE A 204 30.49 20.69 -8.03
CB MSE A 204 33.56 20.41 -9.13
CG MSE A 204 34.27 19.39 -9.99
SE MSE A 204 33.11 17.87 -10.55
CE MSE A 204 32.30 17.26 -8.87
N GLU A 205 31.54 22.69 -8.22
CA GLU A 205 30.76 23.35 -7.18
C GLU A 205 29.29 23.44 -7.60
N LYS A 206 29.04 23.76 -8.87
CA LYS A 206 27.67 23.82 -9.42
C LYS A 206 27.01 22.44 -9.33
N PHE A 207 27.73 21.36 -9.65
CA PHE A 207 27.19 19.98 -9.50
C PHE A 207 26.86 19.72 -8.01
N ARG A 208 27.69 20.17 -7.08
CA ARG A 208 27.45 19.90 -5.63
C ARG A 208 26.16 20.61 -5.20
N VAL A 209 25.97 21.85 -5.66
CA VAL A 209 24.76 22.66 -5.33
C VAL A 209 23.55 21.92 -5.90
N ILE A 210 23.62 21.48 -7.17
CA ILE A 210 22.51 20.75 -7.85
C ILE A 210 22.19 19.48 -7.07
N LEU A 211 23.21 18.71 -6.66
CA LEU A 211 22.92 17.41 -5.98
C LEU A 211 22.30 17.66 -4.61
N ALA A 212 22.76 18.66 -3.85
CA ALA A 212 22.20 18.99 -2.52
C ALA A 212 20.71 19.31 -2.69
N LEU A 213 20.34 20.01 -3.76
CA LEU A 213 18.95 20.46 -4.01
C LEU A 213 18.09 19.26 -4.45
N VAL A 214 18.62 18.40 -5.32
CA VAL A 214 17.96 17.12 -5.69
C VAL A 214 17.64 16.34 -4.41
N LYS A 215 18.60 16.19 -3.52
CA LYS A 215 18.36 15.44 -2.26
C LYS A 215 17.28 16.14 -1.41
N LYS A 216 17.39 17.45 -1.23
CA LYS A 216 16.43 18.24 -0.42
C LYS A 216 15.00 18.08 -1.01
N ARG A 217 14.87 18.03 -2.33
CA ARG A 217 13.56 17.92 -3.02
C ARG A 217 13.08 16.46 -3.05
N ASP A 218 13.93 15.50 -2.65
CA ASP A 218 13.63 14.06 -2.67
C ASP A 218 13.40 13.61 -4.13
N TYR A 219 14.19 14.16 -5.05
CA TYR A 219 14.15 13.83 -6.49
C TYR A 219 15.10 12.65 -6.73
N GLU A 220 15.09 12.14 -7.95
CA GLU A 220 16.05 11.09 -8.33
C GLU A 220 16.66 11.47 -9.68
N LEU A 221 17.64 10.70 -10.13
CA LEU A 221 18.40 10.99 -11.37
C LEU A 221 18.26 9.84 -12.36
N ASP A 222 18.07 10.24 -13.63
CA ASP A 222 18.20 9.43 -14.86
C ASP A 222 19.67 9.05 -14.99
N PHE A 223 20.03 7.78 -14.81
CA PHE A 223 21.40 7.29 -15.10
C PHE A 223 21.36 6.85 -16.56
N ASN A 224 21.75 7.77 -17.44
CA ASN A 224 21.45 7.68 -18.90
C ASN A 224 22.69 7.17 -19.65
N THR A 225 22.57 6.03 -20.32
CA THR A 225 23.67 5.33 -21.02
C THR A 225 23.78 5.74 -22.49
N ALA A 226 22.88 6.59 -22.98
CA ALA A 226 22.87 6.98 -24.41
C ALA A 226 24.23 7.57 -24.83
N GLY A 227 24.87 8.33 -23.93
CA GLY A 227 26.14 9.02 -24.21
C GLY A 227 27.25 8.06 -24.61
N LEU A 228 27.21 6.81 -24.09
CA LEU A 228 28.23 5.77 -24.41
C LEU A 228 28.18 5.46 -25.92
N PHE A 229 27.04 5.65 -26.58
CA PHE A 229 26.78 5.25 -27.99
C PHE A 229 26.70 6.47 -28.91
N LYS A 230 26.99 7.68 -28.39
CA LYS A 230 27.10 8.91 -29.21
C LYS A 230 28.57 9.08 -29.61
N PRO A 231 28.86 9.21 -30.92
CA PRO A 231 30.24 9.16 -31.39
C PRO A 231 31.17 10.27 -30.83
N LEU A 232 30.63 11.42 -30.38
CA LEU A 232 31.48 12.55 -29.86
C LEU A 232 31.32 12.71 -28.33
N CYS A 233 30.60 11.76 -27.69
CA CYS A 233 30.43 11.71 -26.21
C CYS A 233 31.35 10.63 -25.62
N GLY A 234 30.88 9.37 -25.51
CA GLY A 234 31.63 8.23 -24.97
C GLY A 234 31.48 8.08 -23.46
N GLU A 235 30.56 8.82 -22.84
CA GLU A 235 30.40 8.88 -21.36
C GLU A 235 28.92 8.69 -20.96
N THR A 236 28.67 8.15 -19.75
CA THR A 236 27.31 8.13 -19.14
C THR A 236 26.93 9.54 -18.72
N TYR A 237 25.64 9.81 -18.67
CA TYR A 237 25.09 11.06 -18.09
C TYR A 237 24.43 10.66 -16.77
N PRO A 238 25.01 10.99 -15.60
CA PRO A 238 26.26 11.73 -15.47
C PRO A 238 27.48 10.78 -15.44
N PRO A 239 28.70 11.31 -15.42
CA PRO A 239 29.90 10.50 -15.24
C PRO A 239 30.10 10.03 -13.78
N LYS A 240 31.02 9.09 -13.61
CA LYS A 240 31.32 8.39 -12.35
C LYS A 240 31.51 9.38 -11.18
N LYS A 241 32.30 10.43 -11.34
CA LYS A 241 32.57 11.38 -10.22
C LYS A 241 31.24 11.92 -9.68
N ILE A 242 30.30 12.26 -10.56
CA ILE A 242 28.97 12.81 -10.15
C ILE A 242 28.15 11.69 -9.53
N VAL A 243 28.18 10.48 -10.10
CA VAL A 243 27.42 9.31 -9.60
C VAL A 243 27.83 9.06 -8.14
N THR A 244 29.12 9.11 -7.84
CA THR A 244 29.67 8.86 -6.49
C THR A 244 29.16 9.92 -5.50
N LEU A 245 29.24 11.21 -5.83
CA LEU A 245 28.69 12.29 -4.98
C LEU A 245 27.19 12.03 -4.76
N ALA A 246 26.43 11.73 -5.82
CA ALA A 246 24.96 11.54 -5.72
C ALA A 246 24.69 10.34 -4.80
N SER A 247 25.41 9.23 -4.96
CA SER A 247 25.22 8.02 -4.13
C SER A 247 25.55 8.31 -2.65
N GLU A 248 26.62 9.06 -2.39
CA GLU A 248 26.99 9.49 -1.02
C GLU A 248 25.85 10.30 -0.39
N LEU A 249 25.09 11.07 -1.17
CA LEU A 249 23.90 11.82 -0.67
C LEU A 249 22.65 10.92 -0.67
N GLN A 250 22.79 9.66 -1.05
CA GLN A 250 21.69 8.66 -1.19
C GLN A 250 20.59 9.17 -2.13
N ILE A 251 20.98 9.81 -3.21
CA ILE A 251 20.07 10.15 -4.33
C ILE A 251 19.91 8.88 -5.17
N PRO A 252 18.67 8.39 -5.37
CA PRO A 252 18.44 7.23 -6.21
C PRO A 252 18.72 7.53 -7.67
N PHE A 253 19.24 6.53 -8.36
CA PHE A 253 19.41 6.48 -9.83
C PHE A 253 18.45 5.44 -10.40
N VAL A 254 17.85 5.75 -11.55
CA VAL A 254 17.13 4.77 -12.40
C VAL A 254 17.87 4.70 -13.74
N TYR A 255 18.32 3.50 -14.10
CA TYR A 255 18.89 3.21 -15.44
C TYR A 255 17.94 3.72 -16.51
N GLY A 256 18.46 4.45 -17.49
CA GLY A 256 17.73 4.93 -18.67
C GLY A 256 18.55 4.69 -19.93
N SER A 257 18.05 3.82 -20.83
CA SER A 257 18.68 3.50 -22.14
C SER A 257 18.51 4.68 -23.10
N ASP A 258 17.51 5.52 -22.88
CA ASP A 258 17.08 6.55 -23.86
C ASP A 258 16.83 5.89 -25.23
N SER A 259 16.24 4.69 -25.26
CA SER A 259 16.08 3.87 -26.48
C SER A 259 15.15 4.58 -27.48
N HIS A 260 15.58 4.72 -28.73
CA HIS A 260 14.77 5.27 -29.85
C HIS A 260 14.47 4.16 -30.87
N GLY A 261 14.82 2.93 -30.52
CA GLY A 261 14.61 1.74 -31.36
C GLY A 261 15.01 0.47 -30.62
N VAL A 262 14.72 -0.67 -31.24
CA VAL A 262 14.98 -2.03 -30.70
C VAL A 262 16.48 -2.21 -30.40
N GLN A 263 17.36 -1.70 -31.26
CA GLN A 263 18.81 -1.96 -31.15
C GLN A 263 19.36 -1.28 -29.90
N ASP A 264 18.70 -0.24 -29.41
CA ASP A 264 19.14 0.54 -28.22
C ASP A 264 18.77 -0.19 -26.93
N ILE A 265 17.79 -1.08 -26.94
CA ILE A 265 17.22 -1.66 -25.69
C ILE A 265 18.35 -2.38 -24.93
N GLY A 266 18.48 -2.10 -23.63
CA GLY A 266 19.45 -2.75 -22.74
C GLY A 266 20.85 -2.15 -22.84
N ARG A 267 21.09 -1.16 -23.70
CA ARG A 267 22.48 -0.72 -23.98
C ARG A 267 23.11 -0.14 -22.70
N GLY A 268 24.36 -0.49 -22.44
CA GLY A 268 25.13 0.03 -21.29
C GLY A 268 24.57 -0.42 -19.93
N TYR A 269 23.70 -1.42 -19.89
CA TYR A 269 23.11 -1.83 -18.59
C TYR A 269 24.22 -2.31 -17.64
N SER A 270 25.19 -3.12 -18.11
CA SER A 270 26.29 -3.62 -17.22
C SER A 270 27.06 -2.42 -16.68
N THR A 271 27.23 -1.36 -17.48
CA THR A 271 28.00 -0.16 -17.09
C THR A 271 27.26 0.56 -15.97
N TYR A 272 25.93 0.58 -16.04
CA TYR A 272 25.08 1.15 -14.96
C TYR A 272 25.35 0.40 -13.65
N CYS A 273 25.19 -0.91 -13.66
CA CYS A 273 25.36 -1.75 -12.44
C CYS A 273 26.75 -1.49 -11.84
N GLN A 274 27.81 -1.54 -12.66
CA GLN A 274 29.21 -1.41 -12.18
C GLN A 274 29.45 0.02 -11.68
N LYS A 275 28.90 1.04 -12.37
CA LYS A 275 29.22 2.47 -12.06
C LYS A 275 28.60 2.85 -10.70
N LEU A 276 27.50 2.19 -10.31
CA LEU A 276 26.81 2.37 -9.01
C LEU A 276 27.62 1.74 -7.87
N GLU A 277 28.41 0.68 -8.08
CA GLU A 277 29.04 -0.08 -6.94
C GLU A 277 30.18 0.73 -6.31
N MSE B 1 -23.81 -13.77 11.32
CA MSE B 1 -23.46 -12.44 10.77
C MSE B 1 -21.95 -12.31 10.67
O MSE B 1 -21.41 -12.07 9.59
CB MSE B 1 -24.05 -11.30 11.62
CG MSE B 1 -24.64 -10.16 10.83
SE MSE B 1 -26.08 -10.79 9.62
CE MSE B 1 -27.87 -10.58 10.39
N LYS B 2 -21.24 -12.48 11.80
CA LYS B 2 -19.80 -12.35 11.77
C LYS B 2 -19.16 -13.41 12.69
N ARG B 3 -18.56 -14.42 12.09
CA ARG B 3 -18.15 -15.65 12.79
C ARG B 3 -16.66 -15.91 12.55
N ASP B 4 -15.93 -16.25 13.61
CA ASP B 4 -14.56 -16.82 13.52
C ASP B 4 -14.66 -18.29 13.96
N GLY B 5 -14.29 -19.20 13.07
CA GLY B 5 -14.39 -20.65 13.29
C GLY B 5 -13.06 -21.26 13.72
N HIS B 6 -12.01 -20.48 13.95
CA HIS B 6 -10.65 -21.07 14.19
C HIS B 6 -9.77 -20.16 15.08
N THR B 7 -9.76 -20.42 16.38
CA THR B 7 -8.93 -19.67 17.36
C THR B 7 -8.31 -20.65 18.36
N HIS B 8 -7.22 -20.20 18.96
CA HIS B 8 -6.39 -20.92 19.95
C HIS B 8 -6.34 -20.11 21.24
N THR B 9 -5.67 -20.65 22.26
CA THR B 9 -5.74 -20.18 23.67
C THR B 9 -4.38 -20.25 24.32
N GLU B 10 -4.32 -19.87 25.61
CA GLU B 10 -3.11 -20.03 26.46
C GLU B 10 -2.77 -21.52 26.61
N PHE B 11 -3.67 -22.46 26.27
CA PHE B 11 -3.39 -23.92 26.38
C PHE B 11 -2.54 -24.40 25.20
N CYS B 12 -2.27 -23.52 24.23
CA CYS B 12 -1.42 -23.83 23.07
C CYS B 12 0.04 -23.56 23.43
N PRO B 13 0.92 -24.61 23.54
CA PRO B 13 2.30 -24.38 23.94
C PRO B 13 3.11 -23.50 22.95
N HIS B 14 2.74 -23.41 21.67
CA HIS B 14 3.47 -22.60 20.66
C HIS B 14 2.78 -21.25 20.41
N GLY B 15 1.73 -20.90 21.15
CA GLY B 15 0.99 -19.64 20.94
C GLY B 15 1.67 -18.49 21.66
N THR B 16 1.01 -17.32 21.73
CA THR B 16 1.54 -16.12 22.43
C THR B 16 1.39 -16.26 23.95
N HIS B 17 0.58 -17.21 24.43
N HIS B 17 0.59 -17.23 24.41
CA HIS B 17 0.20 -17.39 25.86
CA HIS B 17 0.13 -17.43 25.82
C HIS B 17 -0.72 -16.24 26.29
C HIS B 17 -0.72 -16.24 26.28
N ASP B 18 -1.29 -15.46 25.36
CA ASP B 18 -2.35 -14.48 25.69
C ASP B 18 -3.54 -15.27 26.25
N ASP B 19 -4.21 -14.72 27.24
CA ASP B 19 -5.43 -15.29 27.83
C ASP B 19 -6.56 -15.24 26.80
N VAL B 20 -7.26 -16.36 26.62
CA VAL B 20 -8.47 -16.46 25.76
C VAL B 20 -9.43 -15.31 26.09
N GLU B 21 -9.51 -14.88 27.33
CA GLU B 21 -10.47 -13.82 27.74
C GLU B 21 -10.17 -12.53 26.97
N GLU B 22 -8.90 -12.17 26.82
CA GLU B 22 -8.49 -10.92 26.14
C GLU B 22 -8.80 -11.07 24.65
N MSE B 23 -8.67 -12.30 24.12
CA MSE B 23 -8.96 -12.55 22.72
C MSE B 23 -10.47 -12.39 22.47
O MSE B 23 -10.88 -11.75 21.48
CB MSE B 23 -8.43 -13.93 22.32
CG MSE B 23 -6.94 -14.05 22.51
SE MSE B 23 -6.35 -15.88 22.27
CE MSE B 23 -6.76 -16.07 20.34
N VAL B 24 -11.29 -12.91 23.38
CA VAL B 24 -12.74 -12.84 23.24
C VAL B 24 -13.17 -11.37 23.31
N LEU B 25 -12.62 -10.59 24.24
CA LEU B 25 -12.97 -9.15 24.40
C LEU B 25 -12.62 -8.42 23.10
N LYS B 26 -11.50 -8.77 22.46
CA LYS B 26 -11.10 -8.13 21.19
C LYS B 26 -12.09 -8.53 20.08
N ALA B 27 -12.45 -9.80 19.99
CA ALA B 27 -13.44 -10.27 18.99
C ALA B 27 -14.75 -9.47 19.17
N ILE B 28 -15.20 -9.23 20.40
CA ILE B 28 -16.45 -8.46 20.66
C ILE B 28 -16.26 -7.02 20.14
N GLU B 29 -15.11 -6.39 20.42
CA GLU B 29 -14.81 -5.03 19.93
C GLU B 29 -14.92 -4.99 18.40
N LEU B 30 -14.50 -6.05 17.72
CA LEU B 30 -14.49 -6.09 16.23
C LEU B 30 -15.81 -6.68 15.71
N ASP B 31 -16.85 -6.78 16.54
CA ASP B 31 -18.24 -7.06 16.12
C ASP B 31 -18.41 -8.54 15.72
N PHE B 32 -17.56 -9.46 16.17
CA PHE B 32 -17.84 -10.91 15.99
C PHE B 32 -19.07 -11.24 16.85
N ASP B 33 -20.03 -12.00 16.35
CA ASP B 33 -21.14 -12.52 17.21
C ASP B 33 -20.98 -14.03 17.41
N GLU B 34 -20.02 -14.69 16.76
CA GLU B 34 -19.85 -16.16 16.90
C GLU B 34 -18.37 -16.51 16.81
N TYR B 35 -17.88 -17.38 17.68
CA TYR B 35 -16.44 -17.53 17.98
C TYR B 35 -16.19 -18.96 18.46
N SER B 36 -15.32 -19.71 17.76
CA SER B 36 -14.96 -21.09 18.10
C SER B 36 -13.54 -21.15 18.66
N ILE B 37 -13.45 -21.72 19.85
CA ILE B 37 -12.18 -22.11 20.51
C ILE B 37 -11.91 -23.54 20.10
N VAL B 38 -10.92 -23.75 19.24
CA VAL B 38 -10.58 -25.09 18.69
C VAL B 38 -9.10 -25.33 18.95
N GLU B 39 -8.77 -25.56 20.22
CA GLU B 39 -7.37 -25.79 20.65
C GLU B 39 -6.86 -27.10 20.05
N HIS B 40 -5.56 -27.17 19.78
CA HIS B 40 -4.91 -28.43 19.30
C HIS B 40 -5.21 -29.59 20.25
N ALA B 41 -5.78 -30.67 19.74
CA ALA B 41 -5.98 -31.91 20.53
C ALA B 41 -4.62 -32.51 20.85
N PRO B 42 -4.42 -33.13 22.04
CA PRO B 42 -3.19 -33.88 22.34
C PRO B 42 -2.82 -34.90 21.26
N LEU B 43 -1.55 -35.01 20.91
CA LEU B 43 -1.04 -36.03 19.95
C LEU B 43 -0.99 -37.40 20.64
N SER B 44 -1.19 -38.46 19.87
CA SER B 44 -0.93 -39.86 20.28
C SER B 44 0.52 -39.95 20.80
N SER B 45 0.72 -40.56 21.97
CA SER B 45 2.04 -40.94 22.53
C SER B 45 2.80 -41.84 21.55
N GLU B 46 2.09 -42.78 20.90
CA GLU B 46 2.69 -43.70 19.89
C GLU B 46 3.19 -42.88 18.71
N PHE B 47 2.39 -41.95 18.20
CA PHE B 47 2.76 -41.09 17.06
C PHE B 47 4.05 -40.31 17.39
N MSE B 48 4.13 -39.80 18.62
CA MSE B 48 5.24 -38.97 19.05
C MSE B 48 6.54 -39.77 19.19
O MSE B 48 7.61 -39.18 19.23
CB MSE B 48 4.88 -38.27 20.36
CG MSE B 48 3.86 -37.16 20.17
SE MSE B 48 3.50 -36.24 21.88
CE MSE B 48 4.44 -34.54 21.96
N LYS B 49 6.48 -41.10 19.27
CA LYS B 49 7.69 -41.91 19.23
C LYS B 49 8.24 -42.02 17.81
N ASN B 50 7.47 -41.65 16.78
CA ASN B 50 7.77 -42.02 15.38
C ASN B 50 8.01 -40.76 14.55
N THR B 51 8.51 -39.70 15.19
CA THR B 51 8.77 -38.39 14.52
C THR B 51 10.26 -38.22 14.34
N ALA B 52 10.64 -37.34 13.41
CA ALA B 52 12.01 -36.86 13.21
C ALA B 52 11.92 -35.35 12.99
N GLY B 53 13.01 -34.73 12.59
CA GLY B 53 13.10 -33.27 12.44
C GLY B 53 13.11 -32.59 13.80
N ASP B 54 12.90 -31.28 13.79
CA ASP B 54 13.01 -30.44 15.00
C ASP B 54 12.01 -30.96 16.05
N LYS B 55 12.50 -31.48 17.19
CA LYS B 55 11.67 -32.02 18.30
C LYS B 55 10.64 -30.97 18.75
N GLU B 56 10.98 -29.69 18.67
CA GLU B 56 10.07 -28.59 19.09
C GLU B 56 8.74 -28.65 18.32
N ALA B 57 8.74 -29.06 17.06
CA ALA B 57 7.50 -29.13 16.26
C ALA B 57 6.55 -30.14 16.95
N VAL B 58 7.09 -31.11 17.67
CA VAL B 58 6.27 -32.19 18.29
C VAL B 58 5.99 -31.85 19.75
N THR B 59 7.01 -31.47 20.53
CA THR B 59 6.84 -31.20 21.99
C THR B 59 5.89 -30.01 22.20
N THR B 60 5.85 -29.10 21.23
CA THR B 60 5.18 -27.78 21.32
C THR B 60 3.83 -27.83 20.60
N ALA B 61 3.51 -28.95 19.93
CA ALA B 61 2.34 -29.04 19.02
C ALA B 61 1.03 -28.86 19.78
N SER B 62 0.90 -29.42 20.98
CA SER B 62 -0.43 -29.44 21.64
C SER B 62 -0.27 -29.69 23.12
N MSE B 63 -1.36 -29.41 23.86
CA MSE B 63 -1.43 -29.67 25.29
C MSE B 63 -1.35 -31.18 25.54
O MSE B 63 -1.50 -32.00 24.63
CB MSE B 63 -2.71 -29.07 25.84
CG MSE B 63 -3.96 -29.83 25.46
SE MSE B 63 -5.61 -28.88 26.06
CE MSE B 63 -6.50 -28.43 24.38
N ALA B 64 -1.14 -31.53 26.81
CA ALA B 64 -1.15 -32.91 27.28
C ALA B 64 -2.59 -33.34 27.58
N MSE B 65 -2.80 -34.66 27.58
CA MSE B 65 -4.07 -35.26 27.96
C MSE B 65 -4.53 -34.73 29.32
O MSE B 65 -5.70 -34.42 29.50
CB MSE B 65 -3.95 -36.80 27.97
CG MSE B 65 -3.89 -37.40 26.57
SE MSE B 65 -5.62 -37.25 25.58
CE MSE B 65 -6.81 -38.27 26.75
N SER B 66 -3.60 -34.59 30.25
CA SER B 66 -3.94 -34.20 31.62
C SER B 66 -4.46 -32.76 31.66
N ASP B 67 -4.20 -31.94 30.63
CA ASP B 67 -4.67 -30.54 30.60
C ASP B 67 -6.15 -30.47 30.20
N LEU B 68 -6.71 -31.53 29.62
CA LEU B 68 -8.08 -31.46 29.03
C LEU B 68 -9.12 -31.00 30.06
N PRO B 69 -9.21 -31.56 31.28
CA PRO B 69 -10.19 -31.08 32.26
C PRO B 69 -10.08 -29.57 32.52
N TYR B 70 -8.85 -29.05 32.61
CA TYR B 70 -8.56 -27.62 32.88
C TYR B 70 -8.99 -26.79 31.68
N TYR B 71 -8.75 -27.30 30.47
CA TYR B 71 -9.14 -26.66 29.20
C TYR B 71 -10.66 -26.49 29.15
N PHE B 72 -11.40 -27.58 29.35
CA PHE B 72 -12.88 -27.57 29.34
C PHE B 72 -13.42 -26.64 30.43
N LYS B 73 -12.85 -26.70 31.63
CA LYS B 73 -13.31 -25.82 32.72
C LYS B 73 -13.16 -24.34 32.32
N LYS B 74 -11.98 -23.94 31.85
CA LYS B 74 -11.70 -22.53 31.48
C LYS B 74 -12.62 -22.10 30.34
N MSE B 75 -12.73 -22.91 29.28
CA MSE B 75 -13.45 -22.44 28.10
C MSE B 75 -14.94 -22.37 28.40
O MSE B 75 -15.62 -21.49 27.88
CB MSE B 75 -13.17 -23.32 26.88
CG MSE B 75 -11.72 -23.35 26.39
SE MSE B 75 -10.78 -21.64 26.57
CE MSE B 75 -9.06 -22.14 27.32
N ASN B 76 -15.47 -23.33 29.18
CA ASN B 76 -16.88 -23.30 29.56
C ASN B 76 -17.14 -22.05 30.40
N HIS B 77 -16.21 -21.67 31.25
CA HIS B 77 -16.35 -20.44 32.08
C HIS B 77 -16.48 -19.22 31.15
N ILE B 78 -15.60 -19.12 30.16
CA ILE B 78 -15.55 -17.96 29.21
C ILE B 78 -16.83 -17.96 28.37
N LYS B 79 -17.28 -19.12 27.91
CA LYS B 79 -18.50 -19.25 27.08
C LYS B 79 -19.70 -18.67 27.84
N LYS B 80 -19.87 -19.03 29.10
CA LYS B 80 -21.00 -18.52 29.92
C LYS B 80 -20.78 -17.03 30.22
N LYS B 81 -19.56 -16.62 30.53
CA LYS B 81 -19.29 -15.25 31.00
C LYS B 81 -19.70 -14.25 29.91
N TYR B 82 -19.50 -14.60 28.63
CA TYR B 82 -19.70 -13.68 27.49
C TYR B 82 -20.90 -14.06 26.63
N ALA B 83 -21.75 -14.96 27.10
CA ALA B 83 -22.90 -15.48 26.32
C ALA B 83 -23.79 -14.34 25.82
N SER B 84 -23.98 -13.27 26.57
CA SER B 84 -24.89 -12.17 26.13
C SER B 84 -24.23 -11.35 24.99
N ASP B 85 -22.92 -11.47 24.76
CA ASP B 85 -22.18 -10.65 23.75
C ASP B 85 -21.76 -11.48 22.53
N LEU B 86 -21.52 -12.79 22.72
CA LEU B 86 -20.80 -13.63 21.75
C LEU B 86 -21.24 -15.07 21.96
N LEU B 87 -21.65 -15.78 20.91
CA LEU B 87 -21.89 -17.23 20.96
C LEU B 87 -20.54 -17.93 20.81
N ILE B 88 -20.09 -18.58 21.88
CA ILE B 88 -18.76 -19.26 21.92
C ILE B 88 -18.97 -20.77 21.79
N HIS B 89 -18.29 -21.39 20.82
CA HIS B 89 -18.25 -22.85 20.66
C HIS B 89 -16.90 -23.35 21.18
N ILE B 90 -16.88 -24.57 21.69
CA ILE B 90 -15.67 -25.21 22.28
C ILE B 90 -15.44 -26.51 21.55
N GLY B 91 -14.23 -26.72 21.09
CA GLY B 91 -13.83 -27.99 20.47
C GLY B 91 -12.33 -28.03 20.29
N PHE B 92 -11.90 -28.80 19.32
CA PHE B 92 -10.47 -29.01 19.02
C PHE B 92 -10.20 -28.78 17.54
N GLU B 93 -8.99 -28.32 17.26
CA GLU B 93 -8.31 -28.56 15.99
C GLU B 93 -7.67 -29.94 16.14
N VAL B 94 -8.29 -30.92 15.49
CA VAL B 94 -7.91 -32.33 15.59
C VAL B 94 -6.92 -32.63 14.46
N ASP B 95 -5.74 -33.13 14.79
CA ASP B 95 -4.78 -33.66 13.79
C ASP B 95 -5.39 -34.91 13.14
N TYR B 96 -5.39 -34.94 11.82
CA TYR B 96 -5.45 -36.20 11.06
C TYR B 96 -4.03 -36.79 11.08
N LEU B 97 -3.87 -37.88 11.81
CA LEU B 97 -2.59 -38.62 11.94
C LEU B 97 -2.67 -39.88 11.09
N ILE B 98 -2.01 -39.86 9.93
CA ILE B 98 -1.98 -40.99 8.95
C ILE B 98 -1.47 -42.24 9.66
N GLY B 99 -2.26 -43.30 9.64
CA GLY B 99 -1.94 -44.58 10.31
C GLY B 99 -2.35 -44.60 11.78
N TYR B 100 -2.93 -43.52 12.33
CA TYR B 100 -3.36 -43.46 13.75
C TYR B 100 -4.86 -43.12 13.87
N GLU B 101 -5.68 -43.53 12.90
CA GLU B 101 -7.15 -43.34 12.92
C GLU B 101 -7.75 -43.93 14.20
N ASP B 102 -7.25 -45.08 14.69
CA ASP B 102 -7.81 -45.73 15.90
C ASP B 102 -7.66 -44.76 17.08
N PHE B 103 -6.49 -44.16 17.26
CA PHE B 103 -6.26 -43.19 18.35
C PHE B 103 -7.25 -42.04 18.19
N THR B 104 -7.36 -41.47 16.99
CA THR B 104 -8.14 -40.24 16.77
C THR B 104 -9.62 -40.55 17.05
N ARG B 105 -10.12 -41.68 16.54
CA ARG B 105 -11.52 -42.13 16.72
C ARG B 105 -11.79 -42.32 18.23
N ASP B 106 -10.89 -42.97 18.96
CA ASP B 106 -11.05 -43.18 20.43
C ASP B 106 -11.09 -41.83 21.15
N PHE B 107 -10.25 -40.89 20.76
CA PHE B 107 -10.18 -39.56 21.40
C PHE B 107 -11.51 -38.84 21.15
N LEU B 108 -11.97 -38.84 19.89
CA LEU B 108 -13.23 -38.15 19.51
C LEU B 108 -14.43 -38.79 20.21
N ASN B 109 -14.49 -40.12 20.25
CA ASN B 109 -15.60 -40.82 20.95
C ASN B 109 -15.57 -40.47 22.44
N GLU B 110 -14.40 -40.29 23.06
CA GLU B 110 -14.35 -39.97 24.51
C GLU B 110 -14.73 -38.49 24.75
N TYR B 111 -14.13 -37.52 24.05
CA TYR B 111 -14.24 -36.10 24.39
C TYR B 111 -15.26 -35.38 23.49
N GLY B 112 -15.61 -35.97 22.35
CA GLY B 112 -16.54 -35.36 21.39
C GLY B 112 -17.79 -34.81 22.05
N PRO B 113 -18.44 -35.53 23.01
CA PRO B 113 -19.67 -35.03 23.62
C PRO B 113 -19.50 -33.70 24.38
N GLN B 114 -18.28 -33.31 24.75
CA GLN B 114 -18.01 -32.06 25.48
C GLN B 114 -17.79 -30.88 24.51
N THR B 115 -17.94 -31.09 23.19
CA THR B 115 -17.60 -30.11 22.14
C THR B 115 -18.84 -29.79 21.32
N ASP B 116 -18.83 -28.66 20.60
CA ASP B 116 -19.95 -28.27 19.69
C ASP B 116 -19.38 -27.58 18.43
N ASP B 117 -18.08 -27.72 18.17
CA ASP B 117 -17.47 -27.36 16.87
C ASP B 117 -16.14 -28.11 16.79
N GLY B 118 -15.48 -28.01 15.66
CA GLY B 118 -14.26 -28.79 15.41
C GLY B 118 -13.70 -28.46 14.05
N VAL B 119 -12.38 -28.60 13.92
CA VAL B 119 -11.65 -28.53 12.63
C VAL B 119 -10.76 -29.77 12.56
N LEU B 120 -10.74 -30.44 11.41
CA LEU B 120 -9.82 -31.58 11.16
C LEU B 120 -8.71 -31.07 10.25
N SER B 121 -7.48 -31.13 10.72
CA SER B 121 -6.29 -30.51 10.09
C SER B 121 -5.19 -31.54 9.88
N LEU B 122 -4.56 -31.50 8.71
CA LEU B 122 -3.31 -32.26 8.43
C LEU B 122 -2.09 -31.36 8.67
N HIS B 123 -1.21 -31.75 9.60
CA HIS B 123 0.02 -30.97 9.98
C HIS B 123 1.29 -31.80 9.79
N PHE B 124 1.17 -33.12 9.68
CA PHE B 124 2.33 -34.04 9.67
C PHE B 124 2.19 -35.03 8.52
N LEU B 125 3.30 -35.25 7.81
CA LEU B 125 3.43 -36.28 6.76
C LEU B 125 4.61 -37.16 7.12
N GLU B 126 4.59 -38.39 6.59
CA GLU B 126 5.79 -39.25 6.57
C GLU B 126 6.89 -38.50 5.81
N GLY B 127 8.09 -38.46 6.41
CA GLY B 127 9.23 -37.80 5.78
C GLY B 127 10.52 -38.44 6.20
N GLN B 128 11.60 -37.67 6.10
CA GLN B 128 12.98 -38.17 6.34
C GLN B 128 13.10 -38.53 7.83
N GLY B 129 13.24 -39.83 8.12
CA GLY B 129 13.52 -40.35 9.48
C GLY B 129 12.25 -40.62 10.30
N GLY B 130 11.08 -40.30 9.77
CA GLY B 130 9.79 -40.50 10.46
C GLY B 130 8.80 -39.42 10.08
N PHE B 131 7.78 -39.19 10.91
CA PHE B 131 6.77 -38.14 10.65
C PHE B 131 7.48 -36.78 10.80
N ARG B 132 7.12 -35.87 9.91
CA ARG B 132 7.72 -34.53 9.77
C ARG B 132 6.61 -33.50 9.68
N SER B 133 6.91 -32.29 10.12
CA SER B 133 5.95 -31.17 10.16
C SER B 133 5.86 -30.50 8.80
N ILE B 134 4.64 -30.19 8.36
CA ILE B 134 4.33 -29.39 7.15
C ILE B 134 4.62 -27.90 7.40
N ASP B 135 4.47 -27.42 8.65
CA ASP B 135 4.30 -25.96 8.90
C ASP B 135 5.26 -25.42 9.96
N PHE B 136 6.31 -26.15 10.37
CA PHE B 136 7.21 -25.66 11.44
C PHE B 136 8.13 -24.56 10.88
N SER B 137 8.83 -24.82 9.79
CA SER B 137 9.72 -23.81 9.19
C SER B 137 10.04 -24.19 7.75
N ALA B 138 10.41 -23.20 6.92
CA ALA B 138 10.76 -23.40 5.51
C ALA B 138 11.86 -24.47 5.40
N GLU B 139 12.92 -24.36 6.21
CA GLU B 139 14.11 -25.23 6.13
C GLU B 139 13.71 -26.63 6.60
N ASP B 140 12.92 -26.74 7.66
CA ASP B 140 12.51 -28.05 8.21
C ASP B 140 11.57 -28.71 7.18
N TYR B 141 10.72 -27.93 6.51
CA TYR B 141 9.79 -28.42 5.47
C TYR B 141 10.59 -28.94 4.27
N ASN B 142 11.58 -28.15 3.86
CA ASN B 142 12.49 -28.51 2.75
C ASN B 142 13.17 -29.85 3.06
N GLU B 143 13.81 -29.98 4.23
CA GLU B 143 14.65 -31.16 4.57
C GLU B 143 13.76 -32.37 4.86
N GLY B 144 12.65 -32.18 5.56
CA GLY B 144 11.82 -33.28 6.07
C GLY B 144 10.87 -33.83 5.00
N ILE B 145 10.31 -32.97 4.15
CA ILE B 145 9.19 -33.34 3.24
C ILE B 145 9.56 -33.08 1.78
N VAL B 146 9.94 -31.87 1.39
CA VAL B 146 10.13 -31.55 -0.05
C VAL B 146 11.21 -32.48 -0.65
N GLN B 147 12.38 -32.52 -0.02
CA GLN B 147 13.51 -33.38 -0.48
C GLN B 147 13.08 -34.86 -0.42
N PHE B 148 12.30 -35.26 0.58
CA PHE B 148 11.84 -36.66 0.76
C PHE B 148 10.97 -37.06 -0.44
N TYR B 149 10.02 -36.21 -0.86
CA TYR B 149 9.03 -36.54 -1.93
C TYR B 149 9.62 -36.26 -3.32
N GLY B 150 10.67 -35.47 -3.41
CA GLY B 150 11.40 -35.21 -4.67
C GLY B 150 11.18 -33.82 -5.24
N GLY B 151 10.49 -32.93 -4.54
CA GLY B 151 10.25 -31.56 -5.04
C GLY B 151 8.98 -30.96 -4.51
N PHE B 152 8.79 -29.67 -4.75
CA PHE B 152 7.69 -28.87 -4.17
C PHE B 152 6.37 -29.49 -4.61
N GLU B 153 6.25 -29.83 -5.90
CA GLU B 153 4.98 -30.36 -6.47
C GLU B 153 4.71 -31.75 -5.89
N GLN B 154 5.72 -32.61 -5.82
CA GLN B 154 5.56 -33.97 -5.22
C GLN B 154 5.09 -33.83 -3.77
N ALA B 155 5.60 -32.84 -3.04
CA ALA B 155 5.17 -32.53 -1.65
C ALA B 155 3.70 -32.08 -1.66
N GLN B 156 3.30 -31.23 -2.62
CA GLN B 156 1.89 -30.78 -2.76
C GLN B 156 0.99 -32.01 -2.91
N LEU B 157 1.37 -32.93 -3.81
CA LEU B 157 0.52 -34.08 -4.14
C LEU B 157 0.48 -35.05 -2.95
N ALA B 158 1.57 -35.25 -2.22
CA ALA B 158 1.61 -36.09 -1.00
C ALA B 158 0.70 -35.45 0.07
N TYR B 159 0.79 -34.14 0.23
CA TYR B 159 -0.07 -33.35 1.16
C TYR B 159 -1.55 -33.54 0.79
N LEU B 160 -1.91 -33.31 -0.47
CA LEU B 160 -3.34 -33.41 -0.88
C LEU B 160 -3.84 -34.85 -0.78
N GLU B 161 -2.97 -35.86 -0.94
CA GLU B 161 -3.40 -37.27 -0.72
C GLU B 161 -3.79 -37.43 0.76
N GLY B 162 -3.02 -36.83 1.67
CA GLY B 162 -3.33 -36.82 3.12
C GLY B 162 -4.65 -36.12 3.41
N VAL B 163 -4.88 -34.98 2.75
CA VAL B 163 -6.14 -34.20 2.95
C VAL B 163 -7.32 -35.07 2.49
N LYS B 164 -7.19 -35.69 1.33
CA LYS B 164 -8.25 -36.60 0.78
C LYS B 164 -8.52 -37.74 1.78
N GLN B 165 -7.47 -38.37 2.32
CA GLN B 165 -7.61 -39.41 3.37
C GLN B 165 -8.35 -38.85 4.59
N SER B 166 -8.04 -37.63 5.04
CA SER B 166 -8.73 -37.00 6.20
C SER B 166 -10.24 -36.87 5.92
N ILE B 167 -10.62 -36.52 4.70
CA ILE B 167 -12.06 -36.37 4.31
C ILE B 167 -12.75 -37.74 4.30
N GLU B 168 -12.06 -38.75 3.77
CA GLU B 168 -12.62 -40.11 3.61
C GLU B 168 -12.72 -40.81 4.96
N ALA B 169 -11.92 -40.43 5.94
CA ALA B 169 -11.71 -41.21 7.17
C ALA B 169 -13.02 -41.38 7.95
N ASP B 170 -13.24 -42.58 8.45
CA ASP B 170 -14.33 -42.87 9.42
C ASP B 170 -13.76 -42.64 10.82
N LEU B 171 -13.99 -41.47 11.42
CA LEU B 171 -13.49 -41.15 12.77
C LEU B 171 -14.68 -41.01 13.72
N GLY B 172 -15.79 -41.68 13.38
CA GLY B 172 -16.97 -41.80 14.23
C GLY B 172 -17.87 -40.57 14.16
N LEU B 173 -18.87 -40.53 15.04
CA LEU B 173 -19.96 -39.53 15.04
C LEU B 173 -19.39 -38.13 15.29
N PHE B 174 -18.32 -38.01 16.09
CA PHE B 174 -17.80 -36.70 16.56
C PHE B 174 -16.66 -36.19 15.68
N LYS B 175 -16.40 -36.81 14.52
CA LYS B 175 -15.43 -36.28 13.54
C LYS B 175 -15.83 -34.85 13.19
N PRO B 176 -14.90 -33.89 13.23
CA PRO B 176 -15.16 -32.57 12.70
C PRO B 176 -15.66 -32.64 11.25
N ARG B 177 -16.48 -31.67 10.86
CA ARG B 177 -17.01 -31.57 9.49
C ARG B 177 -16.39 -30.37 8.76
N ARG B 178 -15.46 -29.67 9.39
CA ARG B 178 -14.77 -28.51 8.78
C ARG B 178 -13.30 -28.88 8.61
N MSE B 179 -12.84 -28.89 7.37
CA MSE B 179 -11.48 -29.27 7.07
C MSE B 179 -10.59 -28.03 7.16
O MSE B 179 -10.89 -27.02 6.54
CB MSE B 179 -11.36 -29.90 5.68
CG MSE B 179 -12.35 -31.05 5.42
SE MSE B 179 -12.02 -32.63 6.60
CE MSE B 179 -13.47 -32.41 7.90
N GLY B 180 -9.51 -28.14 7.94
CA GLY B 180 -8.64 -27.03 8.24
C GLY B 180 -7.68 -26.69 7.10
N HIS B 181 -7.47 -25.39 6.85
CA HIS B 181 -6.45 -24.80 5.95
C HIS B 181 -5.95 -25.81 4.90
N ILE B 182 -6.74 -26.13 3.87
CA ILE B 182 -6.44 -27.29 2.96
C ILE B 182 -5.41 -26.95 1.88
N SER B 183 -4.61 -25.89 2.02
CA SER B 183 -3.43 -25.66 1.16
C SER B 183 -2.21 -25.32 2.02
N LEU B 184 -2.06 -26.00 3.17
CA LEU B 184 -0.99 -25.70 4.16
C LEU B 184 0.39 -26.00 3.54
N CYS B 185 0.43 -26.81 2.47
CA CYS B 185 1.63 -27.08 1.64
C CYS B 185 2.17 -25.80 1.00
N GLN B 186 1.43 -24.67 1.08
CA GLN B 186 1.82 -23.37 0.47
C GLN B 186 2.34 -22.38 1.54
N LYS B 187 2.48 -22.81 2.80
CA LYS B 187 2.88 -21.89 3.90
C LYS B 187 4.24 -21.27 3.62
N PHE B 188 5.17 -22.00 2.98
CA PHE B 188 6.55 -21.53 2.72
C PHE B 188 6.76 -21.39 1.21
N GLN B 189 5.66 -21.23 0.48
CA GLN B 189 5.58 -20.98 -0.99
C GLN B 189 6.80 -20.23 -1.55
N GLN B 190 7.03 -19.04 -1.03
CA GLN B 190 7.98 -18.05 -1.59
C GLN B 190 9.42 -18.57 -1.38
N PHE B 191 9.66 -19.43 -0.39
CA PHE B 191 11.00 -20.04 -0.16
C PHE B 191 11.37 -20.88 -1.38
N PHE B 192 10.38 -21.39 -2.11
CA PHE B 192 10.57 -22.25 -3.30
C PHE B 192 10.26 -21.48 -4.61
N GLY B 193 9.98 -20.18 -4.55
CA GLY B 193 9.61 -19.36 -5.72
C GLY B 193 8.27 -19.77 -6.32
N GLU B 194 7.32 -20.19 -5.49
CA GLU B 194 6.01 -20.77 -5.92
C GLU B 194 4.85 -19.87 -5.47
N ASP B 195 3.70 -19.94 -6.14
CA ASP B 195 2.40 -19.40 -5.69
C ASP B 195 1.27 -20.18 -6.38
N THR B 196 0.01 -19.80 -6.17
CA THR B 196 -1.21 -20.51 -6.66
C THR B 196 -1.17 -20.61 -8.19
N SER B 197 -0.61 -19.60 -8.85
CA SER B 197 -0.59 -19.51 -10.33
C SER B 197 0.32 -20.62 -10.92
N ASP B 198 1.16 -21.24 -10.10
CA ASP B 198 2.07 -22.34 -10.52
C ASP B 198 1.40 -23.71 -10.35
N PHE B 199 0.20 -23.82 -9.75
CA PHE B 199 -0.49 -25.11 -9.57
C PHE B 199 -0.52 -25.87 -10.90
N SER B 200 0.04 -27.09 -10.92
CA SER B 200 0.08 -27.96 -12.11
C SER B 200 -1.34 -28.46 -12.36
N GLU B 201 -1.58 -29.01 -13.54
CA GLU B 201 -2.91 -29.56 -13.90
C GLU B 201 -3.24 -30.71 -12.94
N GLU B 202 -2.26 -31.52 -12.59
CA GLU B 202 -2.44 -32.67 -11.65
C GLU B 202 -2.83 -32.13 -10.27
N VAL B 203 -2.19 -31.08 -9.77
CA VAL B 203 -2.57 -30.47 -8.47
C VAL B 203 -4.01 -29.98 -8.54
N MSE B 204 -4.37 -29.33 -9.66
CA MSE B 204 -5.71 -28.77 -9.81
C MSE B 204 -6.75 -29.89 -9.81
O MSE B 204 -7.83 -29.73 -9.23
CB MSE B 204 -5.81 -27.96 -11.12
CG MSE B 204 -5.20 -26.57 -11.05
SE MSE B 204 -6.02 -25.49 -9.61
CE MSE B 204 -7.98 -25.78 -9.69
N GLU B 205 -6.44 -31.01 -10.48
CA GLU B 205 -7.35 -32.14 -10.58
C GLU B 205 -7.56 -32.75 -9.18
N LYS B 206 -6.48 -32.85 -8.41
CA LYS B 206 -6.53 -33.35 -7.01
C LYS B 206 -7.44 -32.44 -6.17
N PHE B 207 -7.35 -31.12 -6.33
CA PHE B 207 -8.25 -30.18 -5.63
C PHE B 207 -9.71 -30.45 -6.03
N ARG B 208 -9.97 -30.70 -7.31
CA ARG B 208 -11.36 -30.90 -7.81
C ARG B 208 -11.93 -32.16 -7.15
N VAL B 209 -11.13 -33.22 -7.06
CA VAL B 209 -11.55 -34.51 -6.46
C VAL B 209 -11.87 -34.24 -4.97
N ILE B 210 -10.97 -33.53 -4.28
CA ILE B 210 -11.16 -33.18 -2.84
C ILE B 210 -12.46 -32.38 -2.67
N LEU B 211 -12.73 -31.40 -3.52
CA LEU B 211 -13.93 -30.53 -3.33
C LEU B 211 -15.20 -31.34 -3.60
N ALA B 212 -15.22 -32.20 -4.63
CA ALA B 212 -16.39 -33.05 -4.93
C ALA B 212 -16.71 -33.92 -3.69
N LEU B 213 -15.68 -34.42 -3.03
CA LEU B 213 -15.83 -35.33 -1.85
C LEU B 213 -16.32 -34.53 -0.63
N VAL B 214 -15.76 -33.34 -0.41
CA VAL B 214 -16.24 -32.42 0.65
C VAL B 214 -17.74 -32.16 0.46
N LYS B 215 -18.15 -31.84 -0.76
CA LYS B 215 -19.58 -31.57 -1.05
C LYS B 215 -20.42 -32.83 -0.77
N LYS B 216 -20.00 -33.97 -1.29
CA LYS B 216 -20.73 -35.25 -1.13
C LYS B 216 -20.89 -35.58 0.37
N ARG B 217 -19.87 -35.31 1.18
CA ARG B 217 -19.87 -35.62 2.62
C ARG B 217 -20.64 -34.56 3.41
N ASP B 218 -21.04 -33.47 2.77
CA ASP B 218 -21.75 -32.33 3.40
C ASP B 218 -20.82 -31.68 4.42
N TYR B 219 -19.52 -31.61 4.12
CA TYR B 219 -18.50 -30.97 4.99
C TYR B 219 -18.42 -29.50 4.62
N GLU B 220 -17.64 -28.74 5.36
CA GLU B 220 -17.38 -27.32 5.02
C GLU B 220 -15.87 -27.08 5.13
N LEU B 221 -15.45 -25.89 4.71
CA LEU B 221 -14.01 -25.53 4.66
C LEU B 221 -13.71 -24.34 5.57
N ASP B 222 -12.59 -24.45 6.28
CA ASP B 222 -11.87 -23.36 7.00
C ASP B 222 -11.37 -22.34 5.95
N PHE B 223 -11.91 -21.13 5.92
CA PHE B 223 -11.36 -20.03 5.09
C PHE B 223 -10.32 -19.31 5.94
N ASN B 224 -9.07 -19.77 5.84
CA ASN B 224 -8.02 -19.49 6.86
C ASN B 224 -7.11 -18.35 6.38
N THR B 225 -7.11 -17.23 7.08
CA THR B 225 -6.40 -15.99 6.69
C THR B 225 -4.98 -15.93 7.26
N ALA B 226 -4.55 -16.91 8.05
CA ALA B 226 -3.20 -16.92 8.69
C ALA B 226 -2.12 -16.81 7.60
N GLY B 227 -2.32 -17.45 6.45
CA GLY B 227 -1.32 -17.46 5.36
C GLY B 227 -1.00 -16.06 4.85
N LEU B 228 -1.97 -15.13 4.90
CA LEU B 228 -1.77 -13.72 4.45
C LEU B 228 -0.66 -13.06 5.28
N PHE B 229 -0.46 -13.49 6.53
CA PHE B 229 0.45 -12.83 7.50
C PHE B 229 1.65 -13.72 7.81
N LYS B 230 1.84 -14.81 7.05
CA LYS B 230 3.10 -15.60 7.07
C LYS B 230 4.01 -15.03 6.00
N PRO B 231 5.27 -14.65 6.35
CA PRO B 231 6.10 -13.87 5.44
C PRO B 231 6.46 -14.62 4.13
N LEU B 232 6.40 -15.96 4.10
CA LEU B 232 6.76 -16.77 2.90
C LEU B 232 5.50 -17.43 2.30
N CYS B 233 4.30 -17.05 2.76
CA CYS B 233 3.01 -17.48 2.15
C CYS B 233 2.41 -16.31 1.34
N GLY B 234 1.62 -15.44 1.98
CA GLY B 234 1.00 -14.25 1.37
C GLY B 234 -0.37 -14.55 0.77
N GLU B 235 -0.92 -15.76 0.98
CA GLU B 235 -2.22 -16.20 0.40
C GLU B 235 -3.10 -16.84 1.47
N THR B 236 -4.42 -16.83 1.27
CA THR B 236 -5.38 -17.55 2.15
C THR B 236 -5.21 -19.06 1.94
N TYR B 237 -5.57 -19.85 2.95
CA TYR B 237 -5.72 -21.31 2.81
C TYR B 237 -7.21 -21.64 2.83
N PRO B 238 -7.84 -22.12 1.74
CA PRO B 238 -7.20 -22.27 0.43
C PRO B 238 -7.14 -20.95 -0.31
N PRO B 239 -6.40 -20.89 -1.43
CA PRO B 239 -6.27 -19.64 -2.18
C PRO B 239 -7.51 -19.37 -3.03
N LYS B 240 -7.60 -18.15 -3.55
CA LYS B 240 -8.76 -17.61 -4.30
C LYS B 240 -9.28 -18.61 -5.35
N LYS B 241 -8.41 -19.16 -6.19
CA LYS B 241 -8.83 -20.05 -7.30
C LYS B 241 -9.63 -21.24 -6.74
N ILE B 242 -9.17 -21.81 -5.62
CA ILE B 242 -9.86 -22.98 -4.99
C ILE B 242 -11.16 -22.50 -4.33
N VAL B 243 -11.13 -21.33 -3.69
CA VAL B 243 -12.32 -20.77 -3.00
C VAL B 243 -13.44 -20.61 -4.03
N THR B 244 -13.12 -20.14 -5.22
CA THR B 244 -14.08 -19.94 -6.34
C THR B 244 -14.72 -21.28 -6.74
N LEU B 245 -13.92 -22.31 -7.00
CA LEU B 245 -14.46 -23.67 -7.31
C LEU B 245 -15.36 -24.12 -6.16
N ALA B 246 -14.92 -23.99 -4.91
CA ALA B 246 -15.68 -24.50 -3.74
C ALA B 246 -17.01 -23.76 -3.65
N SER B 247 -17.03 -22.43 -3.84
CA SER B 247 -18.27 -21.62 -3.81
C SER B 247 -19.23 -22.06 -4.92
N GLU B 248 -18.71 -22.31 -6.12
CA GLU B 248 -19.48 -22.81 -7.29
C GLU B 248 -20.16 -24.15 -6.91
N LEU B 249 -19.52 -25.00 -6.11
CA LEU B 249 -20.10 -26.28 -5.65
C LEU B 249 -21.00 -26.07 -4.43
N GLN B 250 -21.11 -24.82 -3.95
CA GLN B 250 -21.89 -24.44 -2.74
C GLN B 250 -21.36 -25.21 -1.54
N ILE B 251 -20.05 -25.36 -1.43
CA ILE B 251 -19.38 -25.77 -0.18
C ILE B 251 -19.31 -24.54 0.73
N PRO B 252 -19.87 -24.63 1.96
CA PRO B 252 -19.82 -23.50 2.87
C PRO B 252 -18.39 -23.29 3.39
N PHE B 253 -18.05 -22.03 3.61
CA PHE B 253 -16.78 -21.55 4.20
C PHE B 253 -17.09 -20.88 5.53
N VAL B 254 -16.25 -21.12 6.52
CA VAL B 254 -16.26 -20.36 7.79
C VAL B 254 -14.91 -19.67 7.90
N TYR B 255 -14.92 -18.34 8.00
CA TYR B 255 -13.72 -17.52 8.26
C TYR B 255 -13.01 -18.08 9.49
N GLY B 256 -11.69 -18.25 9.39
CA GLY B 256 -10.82 -18.70 10.48
C GLY B 256 -9.56 -17.86 10.53
N SER B 257 -9.39 -17.09 11.60
CA SER B 257 -8.21 -16.23 11.86
C SER B 257 -6.99 -17.09 12.20
N ASP B 258 -7.20 -18.30 12.72
CA ASP B 258 -6.12 -19.13 13.32
C ASP B 258 -5.39 -18.31 14.39
N SER B 259 -6.13 -17.53 15.19
CA SER B 259 -5.56 -16.58 16.16
C SER B 259 -4.85 -17.34 17.27
N HIS B 260 -3.60 -16.97 17.56
CA HIS B 260 -2.78 -17.50 18.68
C HIS B 260 -2.54 -16.42 19.74
N GLY B 261 -3.21 -15.28 19.57
CA GLY B 261 -3.10 -14.12 20.46
C GLY B 261 -4.07 -13.04 20.04
N VAL B 262 -4.15 -12.00 20.87
CA VAL B 262 -5.05 -10.83 20.69
C VAL B 262 -4.78 -10.16 19.35
N GLN B 263 -3.50 -10.03 18.96
CA GLN B 263 -3.09 -9.22 17.79
C GLN B 263 -3.64 -9.88 16.51
N ASP B 264 -3.89 -11.18 16.53
CA ASP B 264 -4.32 -11.95 15.35
C ASP B 264 -5.83 -11.80 15.14
N ILE B 265 -6.59 -11.44 16.18
CA ILE B 265 -8.08 -11.47 16.12
C ILE B 265 -8.54 -10.57 14.96
N GLY B 266 -9.43 -11.08 14.10
CA GLY B 266 -10.02 -10.33 12.98
C GLY B 266 -9.11 -10.20 11.76
N ARG B 267 -7.89 -10.75 11.78
CA ARG B 267 -6.93 -10.49 10.66
C ARG B 267 -7.50 -11.05 9.35
N GLY B 268 -7.41 -10.26 8.26
CA GLY B 268 -7.83 -10.64 6.90
C GLY B 268 -9.34 -10.84 6.76
N TYR B 269 -10.14 -10.38 7.71
CA TYR B 269 -11.62 -10.55 7.61
C TYR B 269 -12.14 -9.90 6.32
N SER B 270 -11.59 -8.76 5.91
CA SER B 270 -11.96 -8.04 4.66
C SER B 270 -11.84 -8.97 3.45
N THR B 271 -10.92 -9.94 3.45
CA THR B 271 -10.73 -10.89 2.31
C THR B 271 -11.92 -11.86 2.28
N TYR B 272 -12.49 -12.19 3.43
CA TYR B 272 -13.63 -13.13 3.52
C TYR B 272 -14.88 -12.49 2.90
N CYS B 273 -15.68 -13.36 2.23
CA CYS B 273 -17.06 -13.17 1.65
C CYS B 273 -16.99 -12.61 0.21
N MSE C 1 -30.15 9.07 19.72
CA MSE C 1 -30.13 7.65 20.15
C MSE C 1 -28.94 6.92 19.53
O MSE C 1 -28.12 6.34 20.26
CB MSE C 1 -31.45 6.98 19.79
CG MSE C 1 -32.61 7.33 20.71
SE MSE C 1 -32.20 6.98 22.62
CE MSE C 1 -32.30 5.11 23.24
N LYS C 2 -28.85 6.90 18.21
CA LYS C 2 -27.75 6.21 17.54
C LYS C 2 -27.26 7.00 16.33
N ARG C 3 -26.09 7.61 16.46
CA ARG C 3 -25.59 8.63 15.53
C ARG C 3 -24.21 8.21 15.01
N ASP C 4 -24.01 8.31 13.70
CA ASP C 4 -22.66 8.21 13.08
C ASP C 4 -22.31 9.60 12.55
N GLY C 5 -21.23 10.17 13.07
CA GLY C 5 -20.77 11.52 12.75
C GLY C 5 -19.71 11.54 11.65
N HIS C 6 -19.34 10.40 11.05
CA HIS C 6 -18.16 10.36 10.15
C HIS C 6 -18.28 9.26 9.08
N THR C 7 -18.78 9.62 7.89
CA THR C 7 -18.88 8.69 6.75
C THR C 7 -18.45 9.37 5.45
N HIS C 8 -18.09 8.53 4.49
CA HIS C 8 -17.58 8.93 3.15
C HIS C 8 -18.48 8.31 2.08
N THR C 9 -18.21 8.62 0.82
CA THR C 9 -19.13 8.37 -0.31
C THR C 9 -18.33 7.90 -1.54
N GLU C 10 -19.03 7.68 -2.64
CA GLU C 10 -18.42 7.37 -3.97
C GLU C 10 -17.60 8.58 -4.44
N PHE C 11 -17.75 9.78 -3.85
CA PHE C 11 -16.96 10.98 -4.25
C PHE C 11 -15.55 10.93 -3.64
N CYS C 12 -15.27 9.94 -2.80
CA CYS C 12 -13.94 9.72 -2.21
C CYS C 12 -13.10 8.88 -3.17
N PRO C 13 -12.03 9.44 -3.80
CA PRO C 13 -11.27 8.68 -4.79
C PRO C 13 -10.56 7.45 -4.19
N HIS C 14 -10.27 7.42 -2.88
CA HIS C 14 -9.57 6.27 -2.23
C HIS C 14 -10.56 5.33 -1.51
N GLY C 15 -11.86 5.56 -1.63
CA GLY C 15 -12.88 4.70 -0.97
C GLY C 15 -13.17 3.46 -1.78
N THR C 16 -14.19 2.69 -1.39
CA THR C 16 -14.63 1.46 -2.11
C THR C 16 -15.38 1.82 -3.41
N HIS C 17 -15.83 3.07 -3.57
CA HIS C 17 -16.74 3.50 -4.68
C HIS C 17 -18.14 2.89 -4.49
N ASP C 18 -18.47 2.33 -3.31
CA ASP C 18 -19.86 1.96 -2.96
C ASP C 18 -20.71 3.23 -3.02
N ASP C 19 -21.93 3.13 -3.53
CA ASP C 19 -22.88 4.25 -3.55
C ASP C 19 -23.29 4.59 -2.10
N VAL C 20 -23.28 5.86 -1.76
CA VAL C 20 -23.77 6.38 -0.46
C VAL C 20 -25.16 5.83 -0.18
N GLU C 21 -25.99 5.60 -1.20
CA GLU C 21 -27.36 5.10 -0.99
C GLU C 21 -27.31 3.74 -0.28
N GLU C 22 -26.42 2.83 -0.71
CA GLU C 22 -26.32 1.47 -0.12
C GLU C 22 -25.79 1.61 1.31
N MSE C 23 -24.93 2.59 1.56
CA MSE C 23 -24.39 2.81 2.89
C MSE C 23 -25.51 3.30 3.83
O MSE C 23 -25.65 2.81 4.96
CB MSE C 23 -23.20 3.76 2.84
CG MSE C 23 -22.07 3.26 1.98
SE MSE C 23 -20.67 4.61 1.76
CE MSE C 23 -20.09 4.76 3.60
N VAL C 24 -26.35 4.21 3.34
CA VAL C 24 -27.45 4.75 4.13
C VAL C 24 -28.45 3.62 4.44
N LEU C 25 -28.77 2.79 3.46
CA LEU C 25 -29.73 1.67 3.66
C LEU C 25 -29.17 0.71 4.74
N LYS C 26 -27.86 0.49 4.74
CA LYS C 26 -27.23 -0.37 5.77
C LYS C 26 -27.33 0.31 7.15
N ALA C 27 -27.04 1.62 7.22
CA ALA C 27 -27.15 2.38 8.50
C ALA C 27 -28.59 2.25 9.04
N ILE C 28 -29.61 2.32 8.17
CA ILE C 28 -31.03 2.21 8.61
C ILE C 28 -31.26 0.80 9.16
N GLU C 29 -30.75 -0.22 8.48
CA GLU C 29 -30.88 -1.63 8.92
C GLU C 29 -30.26 -1.77 10.32
N LEU C 30 -29.18 -1.06 10.61
CA LEU C 30 -28.47 -1.18 11.92
C LEU C 30 -29.00 -0.14 12.92
N ASP C 31 -30.15 0.49 12.63
CA ASP C 31 -30.91 1.31 13.62
C ASP C 31 -30.20 2.64 13.90
N PHE C 32 -29.40 3.15 12.97
CA PHE C 32 -28.89 4.54 13.10
C PHE C 32 -30.10 5.46 12.91
N ASP C 33 -30.26 6.51 13.71
CA ASP C 33 -31.30 7.54 13.43
C ASP C 33 -30.64 8.85 12.98
N GLU C 34 -29.31 8.96 13.02
CA GLU C 34 -28.61 10.20 12.61
C GLU C 34 -27.28 9.84 11.97
N TYR C 35 -26.94 10.51 10.86
CA TYR C 35 -25.90 10.05 9.92
C TYR C 35 -25.30 11.28 9.21
N SER C 36 -24.00 11.50 9.34
CA SER C 36 -23.27 12.63 8.70
C SER C 36 -22.42 12.12 7.53
N ILE C 37 -22.67 12.68 6.37
CA ILE C 37 -21.82 12.56 5.16
C ILE C 37 -20.82 13.71 5.22
N VAL C 38 -19.56 13.39 5.48
CA VAL C 38 -18.49 14.41 5.65
C VAL C 38 -17.35 14.00 4.71
N GLU C 39 -17.58 14.21 3.42
CA GLU C 39 -16.60 13.82 2.38
C GLU C 39 -15.36 14.69 2.51
N HIS C 40 -14.21 14.17 2.11
CA HIS C 40 -12.95 14.97 2.09
C HIS C 40 -13.12 16.23 1.24
N ALA C 41 -12.85 17.41 1.80
CA ALA C 41 -12.90 18.67 1.04
C ALA C 41 -11.76 18.68 0.03
N PRO C 42 -11.94 19.27 -1.17
CA PRO C 42 -10.83 19.47 -2.11
C PRO C 42 -9.60 20.16 -1.48
N LEU C 43 -8.40 19.67 -1.79
CA LEU C 43 -7.13 20.30 -1.30
C LEU C 43 -6.85 21.58 -2.08
N SER C 44 -6.19 22.52 -1.44
CA SER C 44 -5.59 23.72 -2.07
C SER C 44 -4.70 23.28 -3.23
N SER C 45 -4.85 23.90 -4.41
CA SER C 45 -3.92 23.68 -5.56
C SER C 45 -2.50 24.12 -5.18
N GLU C 46 -2.36 25.18 -4.37
CA GLU C 46 -1.03 25.66 -3.89
C GLU C 46 -0.40 24.58 -3.00
N PHE C 47 -1.18 24.04 -2.05
CA PHE C 47 -0.71 22.96 -1.14
C PHE C 47 -0.21 21.76 -1.95
N MSE C 48 -0.95 21.40 -2.99
CA MSE C 48 -0.66 20.21 -3.77
C MSE C 48 0.61 20.39 -4.62
O MSE C 48 1.14 19.41 -5.10
CB MSE C 48 -1.86 19.81 -4.64
CG MSE C 48 -2.98 19.23 -3.86
SE MSE C 48 -4.40 18.74 -5.12
CE MSE C 48 -4.58 16.81 -5.23
N LYS C 49 1.07 21.63 -4.84
CA LYS C 49 2.36 21.83 -5.49
C LYS C 49 3.52 21.53 -4.53
N ASN C 50 3.27 21.44 -3.24
CA ASN C 50 4.36 21.48 -2.22
C ASN C 50 4.36 20.15 -1.45
N THR C 51 3.96 19.06 -2.11
CA THR C 51 3.92 17.71 -1.49
C THR C 51 5.08 16.89 -2.04
N ALA C 52 5.46 15.85 -1.30
CA ALA C 52 6.43 14.82 -1.72
C ALA C 52 5.84 13.48 -1.30
N GLY C 53 6.63 12.42 -1.41
CA GLY C 53 6.12 11.06 -1.15
C GLY C 53 5.21 10.59 -2.27
N ASP C 54 4.54 9.47 -2.03
CA ASP C 54 3.73 8.79 -3.07
C ASP C 54 2.66 9.79 -3.53
N LYS C 55 2.68 10.18 -4.81
CA LYS C 55 1.72 11.17 -5.39
C LYS C 55 0.28 10.66 -5.19
N GLU C 56 0.06 9.34 -5.14
CA GLU C 56 -1.29 8.75 -4.93
C GLU C 56 -1.91 9.26 -3.61
N ALA C 57 -1.11 9.50 -2.57
CA ALA C 57 -1.65 10.00 -1.30
C ALA C 57 -2.30 11.36 -1.52
N VAL C 58 -1.86 12.11 -2.53
CA VAL C 58 -2.34 13.48 -2.78
C VAL C 58 -3.41 13.45 -3.87
N THR C 59 -3.18 12.77 -4.99
CA THR C 59 -4.13 12.76 -6.13
C THR C 59 -5.45 12.09 -5.70
N THR C 60 -5.39 11.15 -4.77
CA THR C 60 -6.58 10.35 -4.37
C THR C 60 -7.12 10.82 -3.02
N ALA C 61 -6.54 11.88 -2.43
CA ALA C 61 -6.95 12.38 -1.10
C ALA C 61 -8.40 12.86 -1.13
N SER C 62 -8.82 13.58 -2.17
CA SER C 62 -10.16 14.20 -2.16
C SER C 62 -10.61 14.47 -3.57
N MSE C 63 -11.91 14.77 -3.69
CA MSE C 63 -12.51 15.18 -4.95
C MSE C 63 -11.93 16.52 -5.39
O MSE C 63 -11.29 17.24 -4.62
CB MSE C 63 -14.03 15.24 -4.75
CG MSE C 63 -14.49 16.43 -3.93
SE MSE C 63 -16.42 16.43 -3.49
CE MSE C 63 -16.50 16.16 -1.61
N ALA C 64 -12.21 16.88 -6.65
CA ALA C 64 -11.84 18.16 -7.22
C ALA C 64 -12.91 19.22 -6.87
N MSE C 65 -12.50 20.50 -6.92
CA MSE C 65 -13.40 21.62 -6.73
C MSE C 65 -14.61 21.48 -7.67
O MSE C 65 -15.75 21.73 -7.26
CB MSE C 65 -12.69 22.96 -6.97
CG MSE C 65 -11.74 23.37 -5.87
SE MSE C 65 -12.67 23.90 -4.17
CE MSE C 65 -13.83 25.38 -4.81
N SER C 66 -14.37 21.07 -8.91
CA SER C 66 -15.43 20.99 -9.90
C SER C 66 -16.46 19.91 -9.53
N ASP C 67 -16.14 18.96 -8.67
CA ASP C 67 -17.10 17.92 -8.23
C ASP C 67 -18.11 18.47 -7.21
N LEU C 68 -17.84 19.61 -6.57
CA LEU C 68 -18.64 20.08 -5.41
C LEU C 68 -20.12 20.21 -5.77
N PRO C 69 -20.53 20.88 -6.88
CA PRO C 69 -21.94 20.96 -7.22
C PRO C 69 -22.62 19.57 -7.30
N TYR C 70 -21.91 18.58 -7.87
CA TYR C 70 -22.42 17.19 -8.06
C TYR C 70 -22.53 16.52 -6.69
N TYR C 71 -21.56 16.77 -5.82
CA TYR C 71 -21.55 16.23 -4.44
C TYR C 71 -22.77 16.75 -3.67
N PHE C 72 -22.98 18.06 -3.63
CA PHE C 72 -24.13 18.69 -2.93
C PHE C 72 -25.46 18.19 -3.54
N LYS C 73 -25.54 18.09 -4.86
CA LYS C 73 -26.79 17.62 -5.49
C LYS C 73 -27.10 16.21 -5.02
N LYS C 74 -26.13 15.29 -5.10
CA LYS C 74 -26.35 13.86 -4.74
C LYS C 74 -26.69 13.76 -3.26
N MSE C 75 -25.93 14.42 -2.39
CA MSE C 75 -26.15 14.22 -0.96
C MSE C 75 -27.48 14.82 -0.51
O MSE C 75 -28.12 14.24 0.37
CB MSE C 75 -25.00 14.79 -0.13
CG MSE C 75 -23.65 14.09 -0.37
SE MSE C 75 -23.78 12.15 -0.74
CE MSE C 75 -22.56 11.94 -2.25
N ASN C 76 -27.86 15.97 -1.07
CA ASN C 76 -29.14 16.60 -0.73
C ASN C 76 -30.26 15.66 -1.18
N HIS C 77 -30.10 14.99 -2.32
CA HIS C 77 -31.12 14.05 -2.84
C HIS C 77 -31.28 12.91 -1.83
N ILE C 78 -30.18 12.33 -1.36
CA ILE C 78 -30.18 11.19 -0.42
C ILE C 78 -30.78 11.63 0.92
N LYS C 79 -30.43 12.82 1.40
CA LYS C 79 -30.96 13.38 2.66
C LYS C 79 -32.50 13.43 2.61
N LYS C 80 -33.07 13.96 1.54
CA LYS C 80 -34.55 14.05 1.39
C LYS C 80 -35.14 12.65 1.18
N LYS C 81 -34.47 11.79 0.40
CA LYS C 81 -35.04 10.48 0.03
C LYS C 81 -35.27 9.65 1.30
N TYR C 82 -34.37 9.75 2.28
CA TYR C 82 -34.39 8.87 3.49
C TYR C 82 -34.77 9.65 4.76
N ALA C 83 -35.26 10.88 4.62
CA ALA C 83 -35.64 11.76 5.75
C ALA C 83 -36.60 11.05 6.73
N SER C 84 -37.53 10.23 6.25
CA SER C 84 -38.50 9.45 7.06
C SER C 84 -37.78 8.48 8.01
N ASP C 85 -36.59 8.01 7.62
CA ASP C 85 -35.91 6.88 8.32
C ASP C 85 -34.70 7.36 9.13
N LEU C 86 -34.05 8.43 8.71
CA LEU C 86 -32.68 8.80 9.12
C LEU C 86 -32.53 10.31 8.95
N LEU C 87 -32.06 11.01 9.97
CA LEU C 87 -31.65 12.42 9.85
C LEU C 87 -30.23 12.45 9.28
N ILE C 88 -30.08 12.94 8.05
CA ILE C 88 -28.79 13.00 7.33
C ILE C 88 -28.26 14.43 7.37
N HIS C 89 -27.02 14.60 7.83
CA HIS C 89 -26.28 15.86 7.78
C HIS C 89 -25.28 15.77 6.63
N ILE C 90 -24.98 16.90 6.00
CA ILE C 90 -24.06 17.01 4.86
C ILE C 90 -22.98 18.01 5.24
N GLY C 91 -21.74 17.63 5.02
CA GLY C 91 -20.62 18.55 5.18
C GLY C 91 -19.34 17.95 4.66
N PHE C 92 -18.23 18.37 5.23
CA PHE C 92 -16.89 17.90 4.82
C PHE C 92 -16.09 17.43 6.03
N GLU C 93 -15.23 16.46 5.78
CA GLU C 93 -13.98 16.25 6.53
C GLU C 93 -12.97 17.22 5.94
N VAL C 94 -12.72 18.31 6.67
CA VAL C 94 -11.89 19.44 6.24
C VAL C 94 -10.46 19.17 6.69
N ASP C 95 -9.52 19.12 5.74
CA ASP C 95 -8.08 19.08 6.09
C ASP C 95 -7.69 20.38 6.80
N TYR C 96 -7.04 20.25 7.95
CA TYR C 96 -6.22 21.36 8.48
C TYR C 96 -4.88 21.31 7.74
N LEU C 97 -4.64 22.30 6.89
CA LEU C 97 -3.40 22.43 6.08
C LEU C 97 -2.50 23.51 6.71
N ILE C 98 -1.46 23.07 7.42
CA ILE C 98 -0.52 23.97 8.15
C ILE C 98 0.08 24.97 7.14
N GLY C 99 -0.09 26.26 7.37
CA GLY C 99 0.40 27.35 6.51
C GLY C 99 -0.62 27.73 5.46
N TYR C 100 -1.78 27.06 5.36
CA TYR C 100 -2.81 27.36 4.31
C TYR C 100 -4.17 27.69 4.94
N GLU C 101 -4.17 28.28 6.14
CA GLU C 101 -5.42 28.74 6.82
C GLU C 101 -6.22 29.67 5.91
N ASP C 102 -5.58 30.53 5.13
CA ASP C 102 -6.29 31.47 4.21
C ASP C 102 -7.15 30.66 3.24
N PHE C 103 -6.57 29.65 2.60
CA PHE C 103 -7.32 28.77 1.67
C PHE C 103 -8.50 28.14 2.44
N THR C 104 -8.25 27.56 3.61
CA THR C 104 -9.30 26.78 4.31
C THR C 104 -10.45 27.72 4.72
N ARG C 105 -10.10 28.90 5.25
CA ARG C 105 -11.06 29.95 5.67
C ARG C 105 -11.91 30.37 4.46
N ASP C 106 -11.28 30.63 3.30
CA ASP C 106 -12.01 31.03 2.07
C ASP C 106 -12.97 29.92 1.66
N PHE C 107 -12.52 28.66 1.72
CA PHE C 107 -13.34 27.50 1.32
C PHE C 107 -14.56 27.40 2.25
N LEU C 108 -14.33 27.47 3.57
CA LEU C 108 -15.40 27.34 4.57
C LEU C 108 -16.39 28.52 4.46
N ASN C 109 -15.90 29.74 4.26
CA ASN C 109 -16.78 30.91 4.10
C ASN C 109 -17.64 30.72 2.84
N GLU C 110 -17.09 30.15 1.76
CA GLU C 110 -17.89 29.97 0.52
C GLU C 110 -18.91 28.82 0.67
N TYR C 111 -18.50 27.64 1.11
CA TYR C 111 -19.34 26.41 1.05
C TYR C 111 -19.98 26.10 2.41
N GLY C 112 -19.49 26.67 3.50
CA GLY C 112 -20.01 26.44 4.85
C GLY C 112 -21.53 26.55 4.92
N PRO C 113 -22.16 27.57 4.30
CA PRO C 113 -23.61 27.72 4.35
C PRO C 113 -24.39 26.54 3.74
N GLN C 114 -23.76 25.71 2.91
CA GLN C 114 -24.42 24.53 2.30
C GLN C 114 -24.30 23.29 3.20
N THR C 115 -23.74 23.41 4.41
CA THR C 115 -23.41 22.26 5.28
C THR C 115 -24.13 22.39 6.62
N ASP C 116 -24.28 21.29 7.36
CA ASP C 116 -24.86 21.32 8.74
C ASP C 116 -24.11 20.33 9.63
N ASP C 117 -22.94 19.86 9.22
CA ASP C 117 -21.98 19.16 10.12
C ASP C 117 -20.61 19.25 9.48
N GLY C 118 -19.60 18.79 10.19
CA GLY C 118 -18.20 18.93 9.75
C GLY C 118 -17.26 18.29 10.74
N VAL C 119 -16.13 17.83 10.23
CA VAL C 119 -14.99 17.30 11.01
C VAL C 119 -13.75 18.04 10.51
N LEU C 120 -12.90 18.50 11.41
CA LEU C 120 -11.60 19.10 11.04
C LEU C 120 -10.52 18.08 11.40
N SER C 121 -9.76 17.64 10.40
CA SER C 121 -8.83 16.51 10.50
C SER C 121 -7.43 16.94 10.03
N LEU C 122 -6.40 16.50 10.75
CA LEU C 122 -5.00 16.61 10.31
C LEU C 122 -4.55 15.31 9.63
N HIS C 123 -4.14 15.38 8.34
CA HIS C 123 -3.71 14.21 7.52
C HIS C 123 -2.29 14.40 6.97
N PHE C 124 -1.76 15.63 7.00
CA PHE C 124 -0.48 15.99 6.34
C PHE C 124 0.38 16.79 7.29
N LEU C 125 1.67 16.47 7.33
CA LEU C 125 2.70 17.24 8.04
C LEU C 125 3.82 17.54 7.07
N GLU C 126 4.58 18.59 7.35
CA GLU C 126 5.87 18.85 6.67
C GLU C 126 6.77 17.64 6.89
N GLY C 127 7.36 17.13 5.81
CA GLY C 127 8.28 16.00 5.87
C GLY C 127 9.35 16.09 4.84
N GLN C 128 9.91 14.93 4.48
CA GLN C 128 11.05 14.84 3.55
C GLN C 128 10.55 15.27 2.17
N GLY C 129 11.04 16.41 1.67
CA GLY C 129 10.78 16.93 0.31
C GLY C 129 9.57 17.83 0.22
N GLY C 130 8.79 17.98 1.29
CA GLY C 130 7.55 18.78 1.29
C GLY C 130 6.54 18.15 2.22
N PHE C 131 5.25 18.45 2.03
CA PHE C 131 4.18 17.88 2.86
C PHE C 131 4.09 16.38 2.55
N ARG C 132 3.86 15.61 3.60
CA ARG C 132 3.83 14.15 3.58
C ARG C 132 2.59 13.68 4.34
N SER C 133 2.11 12.52 3.97
CA SER C 133 0.86 11.91 4.49
C SER C 133 1.18 11.20 5.82
N ILE C 134 0.31 11.37 6.81
CA ILE C 134 0.32 10.66 8.10
C ILE C 134 -0.21 9.22 7.92
N ASP C 135 -1.12 8.99 6.97
CA ASP C 135 -2.01 7.80 7.01
C ASP C 135 -2.02 7.01 5.70
N PHE C 136 -1.09 7.26 4.76
CA PHE C 136 -1.13 6.54 3.46
C PHE C 136 -0.64 5.10 3.65
N SER C 137 0.53 4.89 4.23
CA SER C 137 1.08 3.53 4.45
C SER C 137 2.19 3.61 5.49
N ALA C 138 2.45 2.50 6.18
CA ALA C 138 3.51 2.42 7.20
C ALA C 138 4.85 2.87 6.60
N GLU C 139 5.20 2.38 5.41
CA GLU C 139 6.53 2.64 4.77
C GLU C 139 6.59 4.13 4.40
N ASP C 140 5.52 4.68 3.84
CA ASP C 140 5.49 6.10 3.40
C ASP C 140 5.54 6.98 4.66
N TYR C 141 4.89 6.56 5.75
CA TYR C 141 4.89 7.30 7.04
C TYR C 141 6.30 7.29 7.64
N ASN C 142 6.92 6.11 7.62
CA ASN C 142 8.29 5.92 8.10
C ASN C 142 9.26 6.86 7.34
N GLU C 143 9.24 6.83 6.01
CA GLU C 143 10.22 7.57 5.16
C GLU C 143 9.92 9.06 5.17
N GLY C 144 8.63 9.44 5.14
CA GLY C 144 8.23 10.85 4.96
C GLY C 144 8.25 11.63 6.26
N ILE C 145 7.83 11.00 7.36
CA ILE C 145 7.54 11.72 8.63
C ILE C 145 8.40 11.20 9.78
N VAL C 146 8.38 9.90 10.08
CA VAL C 146 9.11 9.38 11.28
C VAL C 146 10.60 9.70 11.14
N GLN C 147 11.23 9.34 10.02
CA GLN C 147 12.66 9.60 9.77
C GLN C 147 12.91 11.11 9.73
N PHE C 148 11.98 11.90 9.20
CA PHE C 148 12.14 13.38 9.12
C PHE C 148 12.23 13.96 10.54
N TYR C 149 11.34 13.53 11.45
CA TYR C 149 11.23 14.12 12.82
C TYR C 149 12.24 13.49 13.78
N GLY C 150 12.75 12.30 13.44
CA GLY C 150 13.83 11.62 14.18
C GLY C 150 13.35 10.42 14.97
N GLY C 151 12.11 9.98 14.81
CA GLY C 151 11.60 8.80 15.53
C GLY C 151 10.11 8.88 15.74
N PHE C 152 9.53 7.78 16.21
CA PHE C 152 8.08 7.58 16.34
C PHE C 152 7.53 8.65 17.28
N GLU C 153 8.21 8.86 18.41
CA GLU C 153 7.72 9.82 19.43
C GLU C 153 7.81 11.25 18.88
N GLN C 154 8.94 11.58 18.23
CA GLN C 154 9.11 12.93 17.63
C GLN C 154 7.96 13.17 16.63
N ALA C 155 7.56 12.15 15.87
CA ALA C 155 6.44 12.22 14.92
C ALA C 155 5.13 12.43 15.68
N GLN C 156 4.93 11.74 16.80
CA GLN C 156 3.70 11.90 17.65
C GLN C 156 3.62 13.37 18.07
N LEU C 157 4.73 13.94 18.52
CA LEU C 157 4.70 15.31 19.10
C LEU C 157 4.51 16.31 17.97
N ALA C 158 5.09 16.09 16.79
CA ALA C 158 4.88 16.98 15.61
C ALA C 158 3.40 16.91 15.20
N TYR C 159 2.83 15.72 15.20
CA TYR C 159 1.40 15.47 14.91
C TYR C 159 0.52 16.23 15.91
N LEU C 160 0.76 16.04 17.21
CA LEU C 160 -0.08 16.68 18.26
C LEU C 160 0.08 18.20 18.23
N GLU C 161 1.25 18.72 17.85
CA GLU C 161 1.42 20.19 17.68
C GLU C 161 0.48 20.65 16.56
N GLY C 162 0.38 19.87 15.48
CA GLY C 162 -0.53 20.18 14.36
C GLY C 162 -1.98 20.14 14.81
N VAL C 163 -2.36 19.15 15.62
CA VAL C 163 -3.73 19.01 16.17
C VAL C 163 -4.05 20.25 17.00
N LYS C 164 -3.12 20.65 17.86
CA LYS C 164 -3.30 21.83 18.74
C LYS C 164 -3.49 23.07 17.86
N GLN C 165 -2.67 23.25 16.83
CA GLN C 165 -2.83 24.36 15.85
C GLN C 165 -4.21 24.31 15.19
N SER C 166 -4.69 23.13 14.79
CA SER C 166 -6.05 22.98 14.19
C SER C 166 -7.14 23.49 15.16
N ILE C 167 -7.01 23.20 16.45
CA ILE C 167 -8.01 23.64 17.47
C ILE C 167 -7.93 25.16 17.64
N GLU C 168 -6.72 25.73 17.66
CA GLU C 168 -6.50 27.18 17.88
C GLU C 168 -6.92 27.97 16.65
N ALA C 169 -6.91 27.39 15.47
CA ALA C 169 -7.01 28.11 14.18
C ALA C 169 -8.31 28.93 14.08
N ASP C 170 -8.19 30.15 13.59
CA ASP C 170 -9.35 31.01 13.22
C ASP C 170 -9.69 30.70 11.76
N LEU C 171 -10.66 29.83 11.52
CA LEU C 171 -11.09 29.45 10.15
C LEU C 171 -12.50 29.97 9.90
N GLY C 172 -12.91 30.97 10.70
CA GLY C 172 -14.18 31.67 10.54
C GLY C 172 -15.34 30.92 11.19
N LEU C 173 -16.54 31.44 10.97
CA LEU C 173 -17.81 30.97 11.56
C LEU C 173 -18.08 29.51 11.19
N PHE C 174 -17.68 29.05 9.98
CA PHE C 174 -18.07 27.70 9.48
C PHE C 174 -17.00 26.64 9.76
N LYS C 175 -15.96 26.98 10.52
CA LYS C 175 -15.00 25.97 11.04
C LYS C 175 -15.76 24.84 11.71
N PRO C 176 -15.47 23.57 11.36
CA PRO C 176 -16.01 22.44 12.09
C PRO C 176 -15.65 22.54 13.58
N ARG C 177 -16.52 21.98 14.44
CA ARG C 177 -16.32 22.00 15.90
C ARG C 177 -15.99 20.61 16.42
N ARG C 178 -15.89 19.63 15.52
CA ARG C 178 -15.55 18.23 15.86
C ARG C 178 -14.20 17.91 15.27
N MSE C 179 -13.25 17.58 16.16
CA MSE C 179 -11.89 17.30 15.71
C MSE C 179 -11.78 15.82 15.36
O MSE C 179 -12.11 14.97 16.18
CB MSE C 179 -10.89 17.67 16.80
CG MSE C 179 -11.01 19.11 17.32
SE MSE C 179 -10.64 20.47 15.94
CE MSE C 179 -12.47 21.06 15.53
N GLY C 180 -11.29 15.55 14.15
CA GLY C 180 -11.22 14.21 13.61
C GLY C 180 -10.07 13.38 14.17
N HIS C 181 -10.34 12.10 14.45
CA HIS C 181 -9.39 11.03 14.85
C HIS C 181 -8.06 11.61 15.38
N ILE C 182 -8.03 12.14 16.62
CA ILE C 182 -6.86 12.93 17.10
C ILE C 182 -5.70 12.04 17.60
N SER C 183 -5.62 10.77 17.24
CA SER C 183 -4.41 9.94 17.45
C SER C 183 -4.02 9.22 16.16
N LEU C 184 -4.18 9.89 15.01
CA LEU C 184 -3.94 9.28 13.68
C LEU C 184 -2.46 8.90 13.53
N CYS C 185 -1.57 9.49 14.34
CA CYS C 185 -0.12 9.14 14.42
C CYS C 185 0.05 7.68 14.90
N GLN C 186 -1.04 7.00 15.33
CA GLN C 186 -1.00 5.59 15.83
C GLN C 186 -1.52 4.61 14.78
N LYS C 187 -1.88 5.07 13.57
CA LYS C 187 -2.48 4.18 12.54
C LYS C 187 -1.53 3.03 12.21
N PHE C 188 -0.21 3.23 12.23
CA PHE C 188 0.80 2.20 11.86
C PHE C 188 1.64 1.81 13.09
N GLN C 189 1.09 2.08 14.27
CA GLN C 189 1.61 1.72 15.61
C GLN C 189 2.48 0.46 15.61
N GLN C 190 1.88 -0.64 15.18
CA GLN C 190 2.46 -2.00 15.33
C GLN C 190 3.70 -2.15 14.44
N PHE C 191 3.79 -1.38 13.35
CA PHE C 191 4.96 -1.36 12.44
C PHE C 191 6.19 -0.91 13.23
N PHE C 192 5.99 -0.11 14.28
CA PHE C 192 7.07 0.47 15.12
C PHE C 192 7.13 -0.22 16.49
N GLY C 193 6.34 -1.28 16.72
CA GLY C 193 6.28 -1.98 18.03
C GLY C 193 5.72 -1.10 19.13
N GLU C 194 4.77 -0.21 18.80
CA GLU C 194 4.22 0.83 19.72
C GLU C 194 2.73 0.55 19.98
N ASP C 195 2.22 1.03 21.12
CA ASP C 195 0.77 1.15 21.42
C ASP C 195 0.59 2.27 22.46
N THR C 196 -0.63 2.48 22.93
CA THR C 196 -1.01 3.58 23.86
C THR C 196 -0.19 3.50 25.14
N SER C 197 0.16 2.28 25.58
CA SER C 197 0.88 2.04 26.86
C SER C 197 2.30 2.59 26.79
N ASP C 198 2.82 2.89 25.60
CA ASP C 198 4.17 3.46 25.37
C ASP C 198 4.12 4.99 25.34
N PHE C 199 2.95 5.64 25.42
CA PHE C 199 2.86 7.12 25.41
C PHE C 199 3.80 7.70 26.46
N SER C 200 4.75 8.56 26.04
CA SER C 200 5.73 9.20 26.95
C SER C 200 4.97 10.21 27.81
N GLU C 201 5.60 10.68 28.87
CA GLU C 201 5.00 11.70 29.76
C GLU C 201 4.72 12.96 28.93
N GLU C 202 5.67 13.34 28.06
CA GLU C 202 5.50 14.53 27.19
C GLU C 202 4.29 14.34 26.24
N VAL C 203 4.12 13.18 25.63
CA VAL C 203 2.92 12.92 24.76
C VAL C 203 1.66 13.07 25.60
N MSE C 204 1.67 12.49 26.82
CA MSE C 204 0.49 12.53 27.67
C MSE C 204 0.14 13.97 28.04
O MSE C 204 -1.04 14.34 28.07
CB MSE C 204 0.72 11.73 28.96
CG MSE C 204 0.61 10.22 28.77
SE MSE C 204 -1.17 9.72 28.10
CE MSE C 204 -2.52 10.77 29.07
N GLU C 205 1.16 14.79 28.34
CA GLU C 205 0.97 16.17 28.74
C GLU C 205 0.41 16.96 27.55
N LYS C 206 0.90 16.69 26.35
CA LYS C 206 0.41 17.31 25.10
C LYS C 206 -1.07 16.97 24.90
N PHE C 207 -1.48 15.71 25.14
CA PHE C 207 -2.91 15.33 25.08
C PHE C 207 -3.71 16.14 26.12
N ARG C 208 -3.17 16.33 27.32
CA ARG C 208 -3.90 17.07 28.39
C ARG C 208 -4.13 18.52 27.93
N VAL C 209 -3.12 19.14 27.34
CA VAL C 209 -3.19 20.55 26.84
C VAL C 209 -4.25 20.60 25.74
N ILE C 210 -4.20 19.65 24.80
CA ILE C 210 -5.19 19.56 23.67
C ILE C 210 -6.60 19.40 24.25
N LEU C 211 -6.80 18.54 25.24
CA LEU C 211 -8.19 18.29 25.77
C LEU C 211 -8.70 19.54 26.49
N ALA C 212 -7.85 20.23 27.28
CA ALA C 212 -8.25 21.46 28.01
C ALA C 212 -8.70 22.49 26.98
N LEU C 213 -8.01 22.59 25.84
CA LEU C 213 -8.32 23.58 24.77
C LEU C 213 -9.61 23.22 24.05
N VAL C 214 -9.80 21.94 23.73
CA VAL C 214 -11.08 21.45 23.15
C VAL C 214 -12.24 21.85 24.06
N LYS C 215 -12.10 21.60 25.36
CA LYS C 215 -13.17 21.93 26.33
C LYS C 215 -13.41 23.46 26.34
N LYS C 216 -12.34 24.24 26.44
CA LYS C 216 -12.41 25.72 26.50
C LYS C 216 -13.10 26.27 25.24
N ARG C 217 -12.83 25.67 24.08
CA ARG C 217 -13.39 26.14 22.78
C ARG C 217 -14.82 25.61 22.59
N ASP C 218 -15.27 24.71 23.48
CA ASP C 218 -16.61 24.09 23.41
C ASP C 218 -16.70 23.24 22.15
N TYR C 219 -15.60 22.57 21.78
CA TYR C 219 -15.52 21.66 20.63
C TYR C 219 -15.93 20.25 21.11
N GLU C 220 -16.04 19.32 20.18
CA GLU C 220 -16.26 17.91 20.52
C GLU C 220 -15.26 17.05 19.74
N LEU C 221 -15.25 15.75 20.03
CA LEU C 221 -14.28 14.80 19.46
C LEU C 221 -15.01 13.71 18.68
N ASP C 222 -14.43 13.40 17.52
CA ASP C 222 -14.67 12.18 16.69
C ASP C 222 -14.23 10.97 17.52
N PHE C 223 -15.16 10.11 17.95
CA PHE C 223 -14.83 8.80 18.57
C PHE C 223 -14.74 7.81 17.42
N ASN C 224 -13.54 7.65 16.87
CA ASN C 224 -13.35 7.08 15.51
C ASN C 224 -12.93 5.61 15.66
N THR C 225 -13.75 4.68 15.18
CA THR C 225 -13.53 3.23 15.37
C THR C 225 -12.71 2.63 14.23
N ALA C 226 -12.35 3.41 13.21
CA ALA C 226 -11.60 2.91 12.04
C ALA C 226 -10.31 2.23 12.50
N GLY C 227 -9.62 2.78 13.50
CA GLY C 227 -8.32 2.24 13.96
C GLY C 227 -8.42 0.77 14.37
N LEU C 228 -9.58 0.34 14.92
CA LEU C 228 -9.80 -1.07 15.37
C LEU C 228 -9.66 -2.03 14.19
N PHE C 229 -9.93 -1.58 12.96
CA PHE C 229 -10.00 -2.40 11.72
C PHE C 229 -8.80 -2.13 10.80
N LYS C 230 -7.83 -1.33 11.24
CA LYS C 230 -6.56 -1.13 10.49
C LYS C 230 -5.55 -2.14 11.01
N PRO C 231 -4.92 -2.93 10.12
CA PRO C 231 -4.14 -4.09 10.56
C PRO C 231 -2.93 -3.75 11.44
N LEU C 232 -2.39 -2.51 11.37
CA LEU C 232 -1.20 -2.11 12.17
C LEU C 232 -1.59 -1.07 13.23
N CYS C 233 -2.89 -0.85 13.46
CA CYS C 233 -3.40 0.03 14.56
C CYS C 233 -3.97 -0.85 15.69
N GLY C 234 -5.25 -1.21 15.64
CA GLY C 234 -5.93 -2.09 16.61
C GLY C 234 -6.55 -1.33 17.78
N GLU C 235 -6.59 0.02 17.71
CA GLU C 235 -7.15 0.88 18.81
C GLU C 235 -8.06 1.95 18.21
N THR C 236 -9.04 2.46 18.95
CA THR C 236 -9.87 3.63 18.52
C THR C 236 -8.98 4.88 18.41
N TYR C 237 -9.39 5.86 17.63
CA TYR C 237 -8.82 7.23 17.66
C TYR C 237 -9.83 8.16 18.34
N PRO C 238 -9.54 8.72 19.54
CA PRO C 238 -8.34 8.44 20.31
C PRO C 238 -8.50 7.14 21.07
N PRO C 239 -7.40 6.62 21.66
CA PRO C 239 -7.44 5.35 22.38
C PRO C 239 -8.12 5.53 23.75
N LYS C 240 -8.45 4.42 24.38
CA LYS C 240 -9.27 4.36 25.62
C LYS C 240 -8.73 5.32 26.68
N LYS C 241 -7.43 5.32 26.94
CA LYS C 241 -6.82 6.16 28.01
C LYS C 241 -7.17 7.64 27.76
N ILE C 242 -7.10 8.10 26.51
CA ILE C 242 -7.42 9.51 26.15
C ILE C 242 -8.94 9.72 26.25
N VAL C 243 -9.74 8.76 25.79
CA VAL C 243 -11.24 8.85 25.84
C VAL C 243 -11.67 9.07 27.30
N THR C 244 -11.06 8.35 28.24
CA THR C 244 -11.36 8.45 29.69
C THR C 244 -11.04 9.88 30.21
N LEU C 245 -9.85 10.42 29.92
CA LEU C 245 -9.52 11.83 30.27
C LEU C 245 -10.57 12.76 29.68
N ALA C 246 -10.91 12.61 28.39
CA ALA C 246 -11.84 13.53 27.69
C ALA C 246 -13.21 13.45 28.37
N SER C 247 -13.69 12.25 28.71
CA SER C 247 -15.01 12.06 29.39
C SER C 247 -14.99 12.74 30.76
N GLU C 248 -13.90 12.59 31.51
CA GLU C 248 -13.72 13.24 32.83
C GLU C 248 -13.82 14.78 32.68
N LEU C 249 -13.37 15.34 31.56
CA LEU C 249 -13.48 16.81 31.28
C LEU C 249 -14.86 17.15 30.72
N GLN C 250 -15.72 16.14 30.53
CA GLN C 250 -17.07 16.28 29.92
C GLN C 250 -16.94 16.88 28.52
N ILE C 251 -15.97 16.41 27.76
CA ILE C 251 -15.88 16.69 26.30
C ILE C 251 -16.83 15.71 25.60
N PRO C 252 -17.81 16.20 24.82
CA PRO C 252 -18.68 15.30 24.08
C PRO C 252 -17.92 14.56 22.97
N PHE C 253 -18.33 13.32 22.76
CA PHE C 253 -17.86 12.42 21.69
C PHE C 253 -19.03 12.14 20.77
N VAL C 254 -18.77 12.07 19.46
CA VAL C 254 -19.71 11.54 18.45
C VAL C 254 -19.02 10.34 17.81
N TYR C 255 -19.64 9.16 17.92
CA TYR C 255 -19.22 7.93 17.22
C TYR C 255 -19.02 8.25 15.74
N GLY C 256 -17.89 7.84 15.19
CA GLY C 256 -17.57 7.94 13.76
C GLY C 256 -16.99 6.63 13.27
N SER C 257 -17.69 5.98 12.32
CA SER C 257 -17.26 4.73 11.66
C SER C 257 -16.10 5.00 10.69
N ASP C 258 -16.00 6.23 10.19
CA ASP C 258 -15.11 6.57 9.06
C ASP C 258 -15.38 5.61 7.91
N SER C 259 -16.65 5.33 7.64
CA SER C 259 -17.05 4.30 6.63
C SER C 259 -16.66 4.78 5.22
N HIS C 260 -15.96 3.93 4.45
CA HIS C 260 -15.61 4.16 3.03
C HIS C 260 -16.37 3.17 2.15
N GLY C 261 -17.28 2.41 2.75
CA GLY C 261 -18.13 1.43 2.05
C GLY C 261 -19.14 0.83 3.01
N VAL C 262 -20.06 0.05 2.46
CA VAL C 262 -21.16 -0.64 3.17
C VAL C 262 -20.60 -1.53 4.29
N GLN C 263 -19.49 -2.22 4.05
CA GLN C 263 -18.97 -3.23 5.02
C GLN C 263 -18.51 -2.52 6.29
N ASP C 264 -18.17 -1.24 6.22
CA ASP C 264 -17.66 -0.45 7.37
C ASP C 264 -18.80 0.04 8.26
N ILE C 265 -20.03 0.12 7.74
CA ILE C 265 -21.15 0.81 8.46
C ILE C 265 -21.37 0.11 9.81
N GLY C 266 -21.46 0.88 10.91
CA GLY C 266 -21.73 0.38 12.26
C GLY C 266 -20.52 -0.21 12.95
N ARG C 267 -19.36 -0.26 12.30
CA ARG C 267 -18.20 -1.03 12.85
C ARG C 267 -17.77 -0.43 14.20
N GLY C 268 -17.51 -1.29 15.19
CA GLY C 268 -16.96 -0.91 16.50
C GLY C 268 -17.96 -0.13 17.35
N TYR C 269 -19.23 -0.10 16.98
CA TYR C 269 -20.24 0.67 17.74
C TYR C 269 -20.28 0.19 19.21
N SER C 270 -20.09 -1.11 19.47
CA SER C 270 -20.10 -1.69 20.83
C SER C 270 -19.06 -1.00 21.73
N THR C 271 -17.94 -0.52 21.17
CA THR C 271 -16.89 0.16 21.96
C THR C 271 -17.39 1.55 22.37
N TYR C 272 -18.25 2.16 21.57
CA TYR C 272 -18.80 3.50 21.88
C TYR C 272 -19.75 3.38 23.08
N CYS C 273 -20.59 2.36 23.13
CA CYS C 273 -21.43 2.03 24.32
C CYS C 273 -20.58 1.62 25.53
N GLN C 274 -19.76 2.54 26.09
CA GLN C 274 -18.79 2.29 27.20
C GLN C 274 -17.94 3.55 27.44
MN MN D . 14.46 11.72 -28.42
MN MN E . 16.52 14.01 -23.55
CO CO F . 14.98 10.82 -24.05
S SO4 G . 16.46 12.49 -26.50
O1 SO4 G . 15.55 11.58 -25.83
O2 SO4 G . 15.99 12.70 -27.84
O3 SO4 G . 17.81 11.95 -26.54
O4 SO4 G . 16.49 13.75 -25.78
CO CO H . -5.02 -23.69 14.18
FE FE I . -1.28 -23.72 16.61
FE FE J . -3.51 -25.97 11.94
CA CA K . 4.64 -28.11 -1.04
S SO4 L . -1.81 -23.96 13.84
O1 SO4 L . -2.00 -25.23 13.19
O2 SO4 L . -1.48 -22.95 12.85
O3 SO4 L . -3.05 -23.58 14.52
O4 SO4 L . -0.75 -24.05 14.80
MN MN M . -10.91 8.85 3.40
CO CO N . -12.66 10.27 7.24
FE FE O . -9.46 11.39 8.13
CA CA P . -3.12 4.04 20.16
S SO4 Q . -9.77 9.05 5.95
O1 SO4 Q . -9.45 8.78 4.57
O2 SO4 Q . -11.19 9.32 6.06
O3 SO4 Q . -9.40 7.90 6.77
O4 SO4 Q . -9.03 10.21 6.40
#